data_7LKL
#
_entry.id   7LKL
#
_cell.length_a   181.741
_cell.length_b   59.810
_cell.length_c   67.299
_cell.angle_alpha   90.000
_cell.angle_beta   94.650
_cell.angle_gamma   90.000
#
_symmetry.space_group_name_H-M   'C 1 2 1'
#
loop_
_entity.id
_entity.type
_entity.pdbx_description
1 polymer 'Tryptophan synthase alpha chain'
2 polymer 'Tryptophan synthase beta chain'
3 non-polymer '2-({[4-(TRIFLUOROMETHOXY)PHENYL]SULFONYL}AMINO)ETHYL DIHYDROGEN PHOSPHATE'
4 non-polymer 'DIMETHYL SULFOXIDE'
5 non-polymer TRYPTOPHAN
6 non-polymer 1,2-ETHANEDIOL
7 non-polymer 'CESIUM ION'
8 non-polymer 'CHLORIDE ION'
9 non-polymer DI(HYDROXYETHYL)ETHER
10 non-polymer "PYRIDOXAL-5'-PHOSPHATE"
11 water water
#
loop_
_entity_poly.entity_id
_entity_poly.type
_entity_poly.pdbx_seq_one_letter_code
_entity_poly.pdbx_strand_id
1 'polypeptide(L)'
;MERYENLFAQLNDRREGAFVPFVTLGDPGIEQSLKIIDTLIDAGADALELGVPFSDPLADGPTIQNANLRAFAAGVTPAQ
CFEMLALIREKHPTIPIGLLMYANLVFNNGIDAFYARCEQVGVDSVLVADVPVEESAPFRQAALRHNIAPIFICPPNADD
DLLRQVASYGRGYTYLLSRSGVTGAENRGALPLHHLIEKLKEYHAAPALQGFGISSPEQVSAAVRAGAAGAISGSAIVKI
IEKNLASPKQMLAELRSFVSAMKAASRA
;
A
2 'polypeptide(L)'
;MTTLLNPYFGEFGGMYVPQILMPALNQLEEAFVSAQKDPEFQAQFADLLKNYAGRPTALTKCQNITAGTRTTLYLKREDL
LHGGAHKTNQVLGQALLAKRMGKSEIIAETGAGQHGVASALASALLGLKCRIYMGAKDVERQSPNVFRMRLMGAEVIPVH
SGSATLKDACNEALRDWSGSYETAHYMLGTAAGPHPYPTIVREFQRMIGEETKAQILDKEGRLPDAVIACVGGGSNAIGM
FADFINDTSVGLIGVEPGGHGIETGEHGAPLKHGRVGIYFGMKAPMMQTADGQIEESYSISAGLDFPSVGPQHAYLNSIG
RADYVSITDDEALEAFKTLCRHEGIIPALESSHALAHALKMMREQPEKEQLLVVNLSGRGDKDIFTVHDILKARGEI
;
B
#
loop_
_chem_comp.id
_chem_comp.type
_chem_comp.name
_chem_comp.formula
CL non-polymer 'CHLORIDE ION' 'Cl -1'
CS non-polymer 'CESIUM ION' 'Cs 1'
DMS non-polymer 'DIMETHYL SULFOXIDE' 'C2 H6 O S'
EDO non-polymer 1,2-ETHANEDIOL 'C2 H6 O2'
F9F non-polymer '2-({[4-(TRIFLUOROMETHOXY)PHENYL]SULFONYL}AMINO)ETHYL DIHYDROGEN PHOSPHATE' 'C9 H11 F3 N O7 P S'
PEG non-polymer DI(HYDROXYETHYL)ETHER 'C4 H10 O3'
PLP non-polymer PYRIDOXAL-5'-PHOSPHATE 'C8 H10 N O6 P'
#
# COMPACT_ATOMS: atom_id res chain seq x y z
N MET A 1 7.40 -33.27 -5.62
CA MET A 1 8.15 -33.57 -6.90
C MET A 1 9.46 -32.76 -6.91
N GLU A 2 10.31 -32.99 -7.91
CA GLU A 2 11.64 -32.33 -8.04
C GLU A 2 11.76 -31.67 -9.42
N ARG A 3 10.75 -30.93 -9.89
CA ARG A 3 10.72 -30.58 -11.33
C ARG A 3 11.84 -29.60 -11.67
N TYR A 4 12.12 -28.61 -10.83
CA TYR A 4 13.22 -27.66 -11.11
C TYR A 4 14.55 -28.40 -11.03
N GLU A 5 14.74 -29.24 -10.02
CA GLU A 5 16.03 -29.95 -9.84
C GLU A 5 16.28 -30.81 -11.09
N ASN A 6 15.25 -31.49 -11.57
CA ASN A 6 15.39 -32.36 -12.77
C ASN A 6 15.70 -31.50 -13.99
N LEU A 7 14.96 -30.40 -14.16
CA LEU A 7 15.19 -29.49 -15.31
C LEU A 7 16.64 -29.00 -15.31
N PHE A 8 17.11 -28.46 -14.18
CA PHE A 8 18.45 -27.85 -14.16
C PHE A 8 19.52 -28.91 -14.37
N ALA A 9 19.30 -30.14 -13.88
CA ALA A 9 20.29 -31.22 -14.10
C ALA A 9 20.34 -31.54 -15.60
N GLN A 10 19.19 -31.62 -16.27
CA GLN A 10 19.12 -31.92 -17.71
C GLN A 10 19.76 -30.79 -18.52
N LEU A 11 19.47 -29.53 -18.17
CA LEU A 11 20.06 -28.38 -18.88
C LEU A 11 21.59 -28.35 -18.65
N ASN A 12 22.04 -28.65 -17.43
CA ASN A 12 23.49 -28.67 -17.09
C ASN A 12 24.20 -29.70 -17.98
N ASP A 13 23.59 -30.86 -18.21
N ASP A 13 23.59 -30.88 -18.17
CA ASP A 13 24.15 -31.96 -19.05
CA ASP A 13 24.11 -31.96 -19.05
C ASP A 13 24.25 -31.53 -20.51
C ASP A 13 24.37 -31.41 -20.45
N ARG A 14 23.47 -30.53 -20.93
CA ARG A 14 23.51 -29.96 -22.30
C ARG A 14 24.23 -28.60 -22.30
N ARG A 15 24.80 -28.17 -21.17
CA ARG A 15 25.53 -26.87 -21.03
C ARG A 15 24.60 -25.75 -21.50
N GLU A 16 23.34 -25.81 -21.09
CA GLU A 16 22.22 -25.03 -21.67
C GLU A 16 21.58 -24.17 -20.57
N GLY A 17 21.17 -22.95 -20.92
CA GLY A 17 20.36 -22.11 -20.02
C GLY A 17 18.88 -22.43 -20.13
N ALA A 18 18.12 -22.04 -19.11
CA ALA A 18 16.65 -22.10 -19.11
C ALA A 18 16.09 -20.80 -19.66
N PHE A 19 15.08 -20.88 -20.50
CA PHE A 19 14.28 -19.69 -20.89
C PHE A 19 12.88 -19.86 -20.34
N VAL A 20 12.47 -18.89 -19.55
CA VAL A 20 11.23 -18.98 -18.74
C VAL A 20 10.36 -17.76 -19.01
N PRO A 21 9.31 -17.91 -19.83
CA PRO A 21 8.36 -16.82 -20.01
C PRO A 21 7.43 -16.65 -18.82
N PHE A 22 7.00 -15.41 -18.62
CA PHE A 22 5.87 -15.05 -17.74
C PHE A 22 4.67 -14.65 -18.59
N VAL A 23 3.49 -15.10 -18.18
CA VAL A 23 2.20 -14.51 -18.63
C VAL A 23 1.26 -14.46 -17.45
N THR A 24 0.26 -13.61 -17.59
CA THR A 24 -0.88 -13.53 -16.66
C THR A 24 -1.90 -14.60 -17.06
N LEU A 25 -2.29 -15.45 -16.12
CA LEU A 25 -3.33 -16.46 -16.39
C LEU A 25 -4.64 -15.76 -16.75
N GLY A 26 -5.23 -16.19 -17.86
CA GLY A 26 -6.56 -15.71 -18.28
C GLY A 26 -6.47 -14.42 -19.06
N ASP A 27 -5.27 -13.98 -19.42
CA ASP A 27 -5.08 -12.81 -20.32
C ASP A 27 -4.89 -13.33 -21.75
N PRO A 28 -5.72 -12.99 -22.74
CA PRO A 28 -6.88 -12.10 -22.65
C PRO A 28 -8.22 -12.75 -22.28
N GLY A 29 -8.24 -14.08 -22.26
CA GLY A 29 -9.36 -14.88 -21.76
C GLY A 29 -8.84 -16.26 -21.39
N ILE A 30 -9.65 -17.08 -20.74
CA ILE A 30 -9.18 -18.42 -20.29
C ILE A 30 -8.77 -19.25 -21.50
N GLU A 31 -9.60 -19.38 -22.53
CA GLU A 31 -9.29 -20.29 -23.66
C GLU A 31 -8.04 -19.78 -24.38
N GLN A 32 -7.95 -18.49 -24.67
CA GLN A 32 -6.77 -17.96 -25.42
C GLN A 32 -5.52 -18.10 -24.56
N SER A 33 -5.64 -17.88 -23.26
CA SER A 33 -4.50 -18.03 -22.34
C SER A 33 -3.99 -19.47 -22.37
N LEU A 34 -4.87 -20.46 -22.35
CA LEU A 34 -4.43 -21.87 -22.42
C LEU A 34 -3.70 -22.11 -23.74
N LYS A 35 -4.17 -21.54 -24.85
CA LYS A 35 -3.51 -21.72 -26.17
C LYS A 35 -2.14 -21.03 -26.16
N ILE A 36 -2.08 -19.81 -25.61
CA ILE A 36 -0.81 -19.06 -25.47
C ILE A 36 0.19 -19.94 -24.72
N ILE A 37 -0.22 -20.49 -23.57
CA ILE A 37 0.73 -21.26 -22.72
C ILE A 37 1.20 -22.50 -23.48
N ASP A 38 0.32 -23.19 -24.19
CA ASP A 38 0.76 -24.38 -24.96
C ASP A 38 1.74 -23.95 -26.06
N THR A 39 1.53 -22.79 -26.68
CA THR A 39 2.44 -22.26 -27.72
C THR A 39 3.80 -21.94 -27.08
N LEU A 40 3.81 -21.33 -25.91
CA LEU A 40 5.10 -21.01 -25.23
C LEU A 40 5.88 -22.30 -25.03
N ILE A 41 5.20 -23.35 -24.58
CA ILE A 41 5.86 -24.66 -24.29
C ILE A 41 6.35 -25.25 -25.62
N ASP A 42 5.50 -25.28 -26.63
CA ASP A 42 5.87 -25.92 -27.91
C ASP A 42 7.07 -25.20 -28.54
N ALA A 43 7.18 -23.89 -28.35
CA ALA A 43 8.21 -23.02 -28.96
C ALA A 43 9.53 -23.13 -28.19
N GLY A 44 9.55 -23.76 -27.01
CA GLY A 44 10.80 -24.09 -26.29
C GLY A 44 10.90 -23.57 -24.87
N ALA A 45 9.83 -23.05 -24.26
CA ALA A 45 9.91 -22.65 -22.84
C ALA A 45 10.38 -23.83 -22.00
N ASP A 46 11.34 -23.60 -21.11
CA ASP A 46 11.84 -24.65 -20.19
C ASP A 46 11.02 -24.72 -18.91
N ALA A 47 10.41 -23.62 -18.53
CA ALA A 47 9.59 -23.51 -17.30
C ALA A 47 8.65 -22.35 -17.55
N LEU A 48 7.66 -22.21 -16.68
CA LEU A 48 6.69 -21.11 -16.78
C LEU A 48 6.64 -20.32 -15.49
N GLU A 49 6.36 -19.03 -15.63
N GLU A 49 6.53 -18.99 -15.59
CA GLU A 49 6.02 -18.17 -14.48
CA GLU A 49 6.03 -18.14 -14.47
C GLU A 49 4.64 -17.58 -14.81
C GLU A 49 4.61 -17.71 -14.87
N LEU A 50 3.66 -17.85 -13.95
CA LEU A 50 2.24 -17.59 -14.26
C LEU A 50 1.65 -16.71 -13.18
N GLY A 51 1.11 -15.57 -13.58
CA GLY A 51 0.51 -14.62 -12.64
C GLY A 51 -0.97 -14.88 -12.44
N VAL A 52 -1.42 -14.81 -11.20
CA VAL A 52 -2.87 -14.81 -10.88
C VAL A 52 -3.32 -13.37 -10.85
N PRO A 53 -4.34 -12.97 -11.64
CA PRO A 53 -4.75 -11.57 -11.66
C PRO A 53 -5.08 -11.07 -10.25
N PHE A 54 -4.53 -9.92 -9.94
CA PHE A 54 -4.68 -9.28 -8.61
C PHE A 54 -5.00 -7.80 -8.82
N SER A 55 -5.84 -7.28 -7.94
CA SER A 55 -6.31 -5.88 -8.00
C SER A 55 -5.14 -4.88 -7.87
N ASP A 56 -4.04 -5.25 -7.22
CA ASP A 56 -3.01 -4.26 -6.80
C ASP A 56 -1.61 -4.82 -6.98
N PRO A 57 -1.18 -5.05 -8.24
CA PRO A 57 0.12 -5.68 -8.52
C PRO A 57 1.27 -4.66 -8.44
N LEU A 58 1.71 -4.37 -7.22
CA LEU A 58 2.59 -3.18 -7.01
C LEU A 58 4.07 -3.49 -7.35
N ALA A 59 4.43 -4.68 -7.86
CA ALA A 59 5.79 -4.93 -8.41
C ALA A 59 5.78 -4.90 -9.93
N ASP A 60 4.63 -4.57 -10.53
CA ASP A 60 4.47 -4.66 -12.00
C ASP A 60 4.33 -3.28 -12.64
N GLY A 61 5.04 -3.07 -13.75
CA GLY A 61 4.90 -1.89 -14.60
C GLY A 61 3.65 -1.97 -15.47
N PRO A 62 3.42 -0.95 -16.32
CA PRO A 62 2.15 -0.84 -17.04
C PRO A 62 1.82 -2.05 -17.93
N THR A 63 2.79 -2.67 -18.57
CA THR A 63 2.47 -3.79 -19.48
C THR A 63 1.74 -4.88 -18.69
N ILE A 64 2.28 -5.29 -17.56
CA ILE A 64 1.65 -6.39 -16.77
C ILE A 64 0.49 -5.84 -15.94
N GLN A 65 0.48 -4.56 -15.54
CA GLN A 65 -0.74 -3.95 -14.97
C GLN A 65 -1.89 -4.17 -15.96
N ASN A 66 -1.63 -3.94 -17.24
CA ASN A 66 -2.68 -3.99 -18.28
C ASN A 66 -3.07 -5.45 -18.56
N ALA A 67 -2.17 -6.41 -18.40
CA ALA A 67 -2.51 -7.85 -18.53
C ALA A 67 -3.49 -8.24 -17.41
N ASN A 68 -3.21 -7.81 -16.19
CA ASN A 68 -4.10 -8.06 -15.04
C ASN A 68 -5.48 -7.49 -15.39
N LEU A 69 -5.51 -6.26 -15.91
CA LEU A 69 -6.81 -5.61 -16.22
C LEU A 69 -7.55 -6.38 -17.32
N ARG A 70 -6.87 -6.87 -18.35
CA ARG A 70 -7.55 -7.64 -19.40
C ARG A 70 -8.15 -8.92 -18.81
N ALA A 71 -7.43 -9.62 -17.94
CA ALA A 71 -7.94 -10.85 -17.31
C ALA A 71 -9.19 -10.51 -16.47
N PHE A 72 -9.16 -9.42 -15.72
CA PHE A 72 -10.34 -8.99 -14.93
C PHE A 72 -11.51 -8.65 -15.86
N ALA A 73 -11.26 -8.03 -17.01
CA ALA A 73 -12.33 -7.68 -17.97
C ALA A 73 -12.96 -8.97 -18.49
N ALA A 74 -12.22 -10.08 -18.52
CA ALA A 74 -12.71 -11.43 -18.90
C ALA A 74 -13.32 -12.18 -17.70
N GLY A 75 -13.38 -11.56 -16.52
CA GLY A 75 -13.99 -12.16 -15.31
C GLY A 75 -13.13 -13.23 -14.65
N VAL A 76 -11.83 -13.21 -14.89
CA VAL A 76 -10.93 -14.28 -14.39
C VAL A 76 -10.77 -14.15 -12.88
N THR A 77 -10.95 -15.26 -12.18
CA THR A 77 -10.83 -15.36 -10.71
C THR A 77 -9.68 -16.29 -10.34
N PRO A 78 -9.16 -16.22 -9.11
CA PRO A 78 -8.16 -17.19 -8.68
C PRO A 78 -8.66 -18.64 -8.80
N ALA A 79 -9.93 -18.90 -8.52
CA ALA A 79 -10.46 -20.29 -8.63
C ALA A 79 -10.31 -20.75 -10.08
N GLN A 80 -10.65 -19.90 -11.05
CA GLN A 80 -10.51 -20.26 -12.48
C GLN A 80 -9.03 -20.46 -12.79
N CYS A 81 -8.15 -19.65 -12.21
CA CYS A 81 -6.70 -19.83 -12.44
C CYS A 81 -6.26 -21.21 -11.97
N PHE A 82 -6.74 -21.68 -10.82
CA PHE A 82 -6.32 -23.00 -10.30
C PHE A 82 -6.90 -24.10 -11.19
N GLU A 83 -8.09 -23.92 -11.77
CA GLU A 83 -8.60 -24.89 -12.77
C GLU A 83 -7.65 -24.90 -13.98
N MET A 84 -7.23 -23.74 -14.45
CA MET A 84 -6.27 -23.67 -15.60
C MET A 84 -4.98 -24.40 -15.21
N LEU A 85 -4.48 -24.17 -14.01
CA LEU A 85 -3.19 -24.76 -13.62
C LEU A 85 -3.30 -26.28 -13.62
N ALA A 86 -4.40 -26.83 -13.11
CA ALA A 86 -4.63 -28.30 -13.09
C ALA A 86 -4.58 -28.83 -14.52
N LEU A 87 -5.21 -28.14 -15.47
N LEU A 87 -5.28 -28.14 -15.44
CA LEU A 87 -5.26 -28.60 -16.87
CA LEU A 87 -5.33 -28.48 -16.90
C LEU A 87 -3.89 -28.44 -17.53
C LEU A 87 -3.91 -28.46 -17.47
N ILE A 88 -3.15 -27.38 -17.24
CA ILE A 88 -1.78 -27.24 -17.80
C ILE A 88 -0.95 -28.45 -17.35
N ARG A 89 -0.99 -28.77 -16.07
CA ARG A 89 -0.19 -29.90 -15.53
C ARG A 89 -0.68 -31.23 -16.13
N GLU A 90 -1.98 -31.38 -16.36
CA GLU A 90 -2.55 -32.62 -16.95
C GLU A 90 -1.99 -32.83 -18.36
N LYS A 91 -1.63 -31.74 -19.05
CA LYS A 91 -1.09 -31.81 -20.44
C LYS A 91 0.43 -31.97 -20.46
N HIS A 92 1.11 -31.46 -19.44
CA HIS A 92 2.56 -31.24 -19.47
C HIS A 92 3.17 -31.69 -18.15
N PRO A 93 3.64 -32.95 -18.04
CA PRO A 93 3.95 -33.50 -16.73
C PRO A 93 5.26 -33.05 -16.09
N THR A 94 6.23 -32.55 -16.86
CA THR A 94 7.58 -32.30 -16.29
C THR A 94 7.92 -30.80 -16.24
N ILE A 95 7.28 -29.95 -17.02
CA ILE A 95 7.70 -28.53 -17.07
C ILE A 95 7.49 -27.92 -15.68
N PRO A 96 8.50 -27.26 -15.09
CA PRO A 96 8.27 -26.57 -13.83
C PRO A 96 7.29 -25.40 -14.02
N ILE A 97 6.33 -25.30 -13.10
CA ILE A 97 5.31 -24.23 -13.10
C ILE A 97 5.48 -23.41 -11.82
N GLY A 98 5.78 -22.14 -12.00
CA GLY A 98 5.91 -21.20 -10.90
C GLY A 98 4.79 -20.20 -10.94
N LEU A 99 4.24 -19.86 -9.77
CA LEU A 99 3.24 -18.79 -9.69
C LEU A 99 3.88 -17.51 -9.20
N LEU A 100 3.38 -16.40 -9.75
CA LEU A 100 3.66 -15.03 -9.28
C LEU A 100 2.41 -14.57 -8.55
N MET A 101 2.53 -14.50 -7.23
CA MET A 101 1.40 -14.17 -6.34
C MET A 101 1.68 -12.84 -5.65
N TYR A 102 0.60 -12.21 -5.18
CA TYR A 102 0.66 -11.16 -4.16
C TYR A 102 0.10 -11.75 -2.86
N ALA A 103 0.60 -11.24 -1.74
CA ALA A 103 0.39 -11.81 -0.40
C ALA A 103 -1.11 -11.99 -0.12
N ASN A 104 -1.97 -11.04 -0.47
CA ASN A 104 -3.36 -11.17 0.00
C ASN A 104 -4.01 -12.40 -0.61
N LEU A 105 -3.66 -12.75 -1.86
CA LEU A 105 -4.29 -13.92 -2.49
C LEU A 105 -3.83 -15.21 -1.83
N VAL A 106 -2.64 -15.22 -1.25
CA VAL A 106 -2.10 -16.42 -0.54
C VAL A 106 -2.71 -16.49 0.86
N PHE A 107 -2.79 -15.36 1.54
CA PHE A 107 -3.29 -15.27 2.93
C PHE A 107 -4.82 -15.42 2.99
N ASN A 108 -5.53 -15.05 1.93
CA ASN A 108 -6.99 -14.82 1.93
C ASN A 108 -7.75 -15.95 2.64
N ASN A 109 -7.54 -17.20 2.20
CA ASN A 109 -8.30 -18.34 2.74
C ASN A 109 -7.36 -19.23 3.55
N GLY A 110 -6.24 -18.68 4.00
CA GLY A 110 -5.28 -19.41 4.84
C GLY A 110 -4.04 -19.76 4.04
N ILE A 111 -2.88 -19.40 4.56
CA ILE A 111 -1.60 -19.64 3.86
C ILE A 111 -1.42 -21.14 3.64
N ASP A 112 -1.62 -21.96 4.66
CA ASP A 112 -1.38 -23.41 4.51
C ASP A 112 -2.29 -23.94 3.40
N ALA A 113 -3.55 -23.55 3.41
CA ALA A 113 -4.53 -24.04 2.45
C ALA A 113 -4.15 -23.60 1.03
N PHE A 114 -3.56 -22.42 0.86
CA PHE A 114 -3.12 -21.95 -0.46
C PHE A 114 -2.07 -22.92 -1.02
N TYR A 115 -1.05 -23.20 -0.23
CA TYR A 115 0.06 -24.06 -0.70
C TYR A 115 -0.44 -25.51 -0.86
N ALA A 116 -1.41 -25.96 -0.06
CA ALA A 116 -2.00 -27.29 -0.26
C ALA A 116 -2.70 -27.35 -1.63
N ARG A 117 -3.37 -26.28 -2.04
CA ARG A 117 -4.05 -26.26 -3.36
C ARG A 117 -2.99 -26.24 -4.46
N CYS A 118 -1.91 -25.52 -4.26
CA CYS A 118 -0.81 -25.51 -5.25
C CYS A 118 -0.28 -26.94 -5.44
N GLU A 119 -0.07 -27.66 -4.36
CA GLU A 119 0.42 -29.04 -4.45
C GLU A 119 -0.60 -29.91 -5.19
N GLN A 120 -1.88 -29.74 -4.88
CA GLN A 120 -2.95 -30.56 -5.49
C GLN A 120 -2.96 -30.37 -7.01
N VAL A 121 -2.77 -29.17 -7.52
CA VAL A 121 -2.86 -28.93 -8.98
C VAL A 121 -1.50 -29.16 -9.66
N GLY A 122 -0.42 -29.35 -8.89
CA GLY A 122 0.90 -29.69 -9.44
C GLY A 122 1.77 -28.48 -9.76
N VAL A 123 1.57 -27.37 -9.07
CA VAL A 123 2.50 -26.21 -9.09
C VAL A 123 3.82 -26.62 -8.43
N ASP A 124 4.93 -26.02 -8.87
CA ASP A 124 6.27 -26.34 -8.34
C ASP A 124 6.86 -25.23 -7.48
N SER A 125 6.50 -23.97 -7.72
CA SER A 125 7.07 -22.87 -6.93
C SER A 125 6.05 -21.75 -6.81
N VAL A 126 6.27 -20.94 -5.78
CA VAL A 126 5.47 -19.70 -5.57
C VAL A 126 6.44 -18.59 -5.19
N LEU A 127 6.32 -17.48 -5.89
CA LEU A 127 7.01 -16.22 -5.58
C LEU A 127 5.92 -15.25 -5.11
N VAL A 128 6.02 -14.79 -3.88
CA VAL A 128 5.06 -13.80 -3.34
C VAL A 128 5.75 -12.44 -3.39
N ALA A 129 5.34 -11.59 -4.33
CA ALA A 129 6.15 -10.43 -4.76
C ALA A 129 6.28 -9.39 -3.64
N ASP A 130 5.28 -9.29 -2.76
CA ASP A 130 5.27 -8.26 -1.69
C ASP A 130 5.54 -8.89 -0.31
N VAL A 131 6.22 -10.04 -0.28
CA VAL A 131 6.70 -10.62 0.99
C VAL A 131 8.22 -10.67 0.93
N PRO A 132 8.92 -9.79 1.67
CA PRO A 132 10.37 -9.83 1.68
C PRO A 132 10.81 -10.95 2.62
N VAL A 133 12.10 -11.25 2.65
N VAL A 133 12.11 -11.27 2.61
CA VAL A 133 12.60 -12.38 3.50
CA VAL A 133 12.71 -12.29 3.52
C VAL A 133 12.21 -12.14 4.96
C VAL A 133 12.11 -12.11 4.91
N GLU A 134 12.15 -10.88 5.40
CA GLU A 134 11.80 -10.52 6.80
C GLU A 134 10.41 -11.06 7.16
N GLU A 135 9.48 -11.12 6.21
CA GLU A 135 8.06 -11.52 6.48
C GLU A 135 7.80 -12.94 5.99
N SER A 136 8.83 -13.64 5.52
CA SER A 136 8.62 -14.86 4.70
C SER A 136 8.28 -16.10 5.53
N ALA A 137 8.52 -16.12 6.82
CA ALA A 137 8.49 -17.41 7.57
C ALA A 137 7.24 -18.23 7.29
N PRO A 138 5.98 -17.74 7.51
CA PRO A 138 4.85 -18.65 7.36
C PRO A 138 4.66 -19.11 5.91
N PHE A 139 5.06 -18.29 4.96
CA PHE A 139 4.94 -18.61 3.52
C PHE A 139 5.92 -19.73 3.18
N ARG A 140 7.18 -19.56 3.54
CA ARG A 140 8.21 -20.55 3.15
C ARG A 140 7.96 -21.87 3.89
N GLN A 141 7.51 -21.81 5.14
CA GLN A 141 7.21 -23.03 5.91
C GLN A 141 6.06 -23.79 5.25
N ALA A 142 4.98 -23.10 4.90
CA ALA A 142 3.83 -23.73 4.24
C ALA A 142 4.25 -24.28 2.87
N ALA A 143 5.07 -23.54 2.13
CA ALA A 143 5.56 -24.01 0.83
C ALA A 143 6.24 -25.37 1.01
N LEU A 144 7.21 -25.42 1.91
CA LEU A 144 8.03 -26.65 2.06
C LEU A 144 7.16 -27.80 2.56
N ARG A 145 6.17 -27.54 3.41
CA ARG A 145 5.30 -28.63 3.91
C ARG A 145 4.54 -29.25 2.74
N HIS A 146 4.31 -28.48 1.69
CA HIS A 146 3.47 -28.93 0.54
C HIS A 146 4.32 -29.16 -0.71
N ASN A 147 5.64 -29.34 -0.56
CA ASN A 147 6.53 -29.71 -1.69
C ASN A 147 6.55 -28.60 -2.74
N ILE A 148 6.33 -27.36 -2.30
CA ILE A 148 6.41 -26.16 -3.16
C ILE A 148 7.71 -25.44 -2.85
N ALA A 149 8.42 -25.02 -3.90
CA ALA A 149 9.64 -24.20 -3.73
C ALA A 149 9.24 -22.75 -3.43
N PRO A 150 9.71 -22.17 -2.32
CA PRO A 150 9.51 -20.75 -2.10
C PRO A 150 10.63 -20.01 -2.84
N ILE A 151 10.22 -19.07 -3.70
CA ILE A 151 11.18 -18.31 -4.52
C ILE A 151 11.48 -16.98 -3.85
N PHE A 152 12.75 -16.76 -3.58
CA PHE A 152 13.30 -15.55 -2.93
C PHE A 152 13.98 -14.68 -3.97
N ILE A 153 13.94 -13.40 -3.70
CA ILE A 153 14.48 -12.35 -4.59
C ILE A 153 15.85 -11.96 -4.08
N CYS A 154 16.81 -11.93 -4.99
CA CYS A 154 18.16 -11.39 -4.75
C CYS A 154 18.28 -10.08 -5.51
N PRO A 155 18.14 -8.91 -4.84
CA PRO A 155 18.29 -7.63 -5.52
C PRO A 155 19.74 -7.33 -5.87
N PRO A 156 19.99 -6.41 -6.84
CA PRO A 156 21.34 -5.99 -7.20
C PRO A 156 22.16 -5.40 -6.03
N ASN A 157 21.48 -4.81 -5.05
CA ASN A 157 22.14 -4.15 -3.89
C ASN A 157 22.11 -5.08 -2.66
N ALA A 158 21.92 -6.39 -2.87
CA ALA A 158 21.95 -7.43 -1.81
C ALA A 158 23.29 -7.40 -1.06
N ASP A 159 23.23 -7.32 0.27
CA ASP A 159 24.43 -7.46 1.15
C ASP A 159 24.62 -8.94 1.48
N ASP A 160 25.70 -9.27 2.19
CA ASP A 160 26.12 -10.68 2.42
C ASP A 160 25.05 -11.42 3.24
N ASP A 161 24.50 -10.76 4.26
CA ASP A 161 23.43 -11.34 5.12
C ASP A 161 22.25 -11.77 4.23
N LEU A 162 21.81 -10.91 3.32
CA LEU A 162 20.65 -11.21 2.45
C LEU A 162 21.01 -12.37 1.51
N LEU A 163 22.22 -12.37 0.95
CA LEU A 163 22.65 -13.48 0.06
C LEU A 163 22.58 -14.81 0.82
N ARG A 164 23.02 -14.82 2.08
CA ARG A 164 23.04 -16.07 2.88
C ARG A 164 21.60 -16.49 3.21
N GLN A 165 20.73 -15.53 3.49
CA GLN A 165 19.30 -15.81 3.78
C GLN A 165 18.60 -16.40 2.55
N VAL A 166 18.71 -15.72 1.41
N VAL A 166 18.69 -15.76 1.38
CA VAL A 166 18.07 -16.15 0.14
CA VAL A 166 17.97 -16.26 0.18
C VAL A 166 18.60 -17.56 -0.20
C VAL A 166 18.61 -17.57 -0.28
N ALA A 167 19.91 -17.77 -0.05
CA ALA A 167 20.57 -19.06 -0.37
C ALA A 167 20.02 -20.18 0.53
N SER A 168 19.87 -19.92 1.83
CA SER A 168 19.42 -20.94 2.81
C SER A 168 17.93 -21.25 2.63
N TYR A 169 17.09 -20.22 2.53
CA TYR A 169 15.62 -20.38 2.61
C TYR A 169 15.00 -20.82 1.28
N GLY A 170 15.58 -20.39 0.16
CA GLY A 170 14.99 -20.62 -1.16
C GLY A 170 15.14 -22.05 -1.62
N ARG A 171 14.29 -22.42 -2.55
CA ARG A 171 14.40 -23.69 -3.29
C ARG A 171 14.00 -23.43 -4.73
N GLY A 172 14.27 -24.39 -5.61
CA GLY A 172 13.79 -24.34 -7.00
C GLY A 172 14.69 -23.47 -7.83
N TYR A 173 14.58 -22.16 -7.69
CA TYR A 173 15.55 -21.21 -8.30
C TYR A 173 15.60 -19.97 -7.42
N THR A 174 16.67 -19.22 -7.55
CA THR A 174 16.83 -17.92 -6.90
C THR A 174 16.52 -16.87 -7.94
N TYR A 175 15.65 -15.93 -7.61
CA TYR A 175 15.28 -14.88 -8.58
C TYR A 175 16.33 -13.78 -8.51
N LEU A 176 17.10 -13.61 -9.57
CA LEU A 176 18.17 -12.60 -9.63
C LEU A 176 17.59 -11.37 -10.32
N LEU A 177 17.27 -10.35 -9.54
CA LEU A 177 16.66 -9.12 -10.08
C LEU A 177 17.69 -8.37 -10.91
N SER A 178 17.33 -7.96 -12.13
CA SER A 178 18.24 -7.20 -13.02
C SER A 178 18.52 -5.81 -12.47
N ARG A 179 17.55 -5.24 -11.77
CA ARG A 179 17.53 -3.79 -11.53
C ARG A 179 16.47 -3.47 -10.48
N SER A 180 16.54 -2.25 -9.97
CA SER A 180 15.47 -1.66 -9.14
C SER A 180 14.25 -1.40 -10.03
N GLY A 181 13.18 -0.93 -9.40
CA GLY A 181 11.93 -0.60 -10.10
C GLY A 181 11.01 -1.78 -10.20
N VAL A 182 10.16 -1.77 -11.24
CA VAL A 182 9.05 -2.75 -11.39
C VAL A 182 9.23 -3.44 -12.74
N THR A 183 8.42 -4.46 -13.01
CA THR A 183 8.52 -5.22 -14.28
C THR A 183 8.37 -4.28 -15.47
N GLY A 184 9.08 -4.57 -16.56
CA GLY A 184 8.93 -3.80 -17.79
C GLY A 184 10.07 -4.01 -18.76
N ALA A 185 9.74 -4.17 -20.03
CA ALA A 185 10.72 -4.36 -21.13
C ALA A 185 11.36 -3.02 -21.51
N GLU A 186 10.75 -1.90 -21.09
CA GLU A 186 11.16 -0.52 -21.49
C GLU A 186 12.36 -0.06 -20.66
N ASN A 187 12.78 -0.87 -19.68
CA ASN A 187 13.85 -0.56 -18.70
C ASN A 187 14.80 -1.76 -18.61
N ARG A 188 16.01 -1.66 -19.17
CA ARG A 188 17.01 -2.76 -19.20
C ARG A 188 17.98 -2.60 -18.02
N GLY A 189 18.31 -3.71 -17.34
CA GLY A 189 19.34 -3.75 -16.29
C GLY A 189 20.70 -3.45 -16.87
N ALA A 190 21.46 -2.55 -16.22
CA ALA A 190 22.79 -2.09 -16.68
C ALA A 190 23.80 -2.19 -15.52
N LEU A 191 23.62 -3.17 -14.62
CA LEU A 191 24.59 -3.56 -13.58
C LEU A 191 25.06 -4.99 -13.85
N PRO A 192 26.38 -5.26 -13.92
CA PRO A 192 26.89 -6.64 -13.93
C PRO A 192 26.50 -7.39 -12.66
N LEU A 193 26.10 -8.66 -12.79
CA LEU A 193 25.55 -9.47 -11.67
C LEU A 193 26.40 -10.72 -11.40
N HIS A 194 27.51 -10.92 -12.11
CA HIS A 194 28.32 -12.16 -11.97
C HIS A 194 28.82 -12.33 -10.54
N HIS A 195 29.12 -11.24 -9.81
CA HIS A 195 29.56 -11.32 -8.38
C HIS A 195 28.44 -11.92 -7.52
N LEU A 196 27.19 -11.45 -7.66
CA LEU A 196 26.04 -12.01 -6.91
C LEU A 196 25.85 -13.48 -7.31
N ILE A 197 25.96 -13.79 -8.60
CA ILE A 197 25.80 -15.19 -9.10
C ILE A 197 26.84 -16.09 -8.42
N GLU A 198 28.07 -15.64 -8.32
CA GLU A 198 29.18 -16.41 -7.72
C GLU A 198 28.95 -16.60 -6.21
N LYS A 199 28.54 -15.56 -5.50
CA LYS A 199 28.25 -15.62 -4.04
C LYS A 199 27.07 -16.59 -3.80
N LEU A 200 26.03 -16.52 -4.63
CA LEU A 200 24.87 -17.44 -4.49
C LEU A 200 25.34 -18.90 -4.62
N LYS A 201 26.21 -19.21 -5.59
CA LYS A 201 26.72 -20.59 -5.76
C LYS A 201 27.58 -21.00 -4.56
N GLU A 202 28.39 -20.06 -4.05
CA GLU A 202 29.27 -20.32 -2.88
C GLU A 202 28.40 -20.72 -1.68
N TYR A 203 27.21 -20.11 -1.53
CA TYR A 203 26.27 -20.36 -0.41
C TYR A 203 25.24 -21.45 -0.76
N HIS A 204 25.43 -22.20 -1.86
CA HIS A 204 24.59 -23.38 -2.24
C HIS A 204 23.15 -22.95 -2.45
N ALA A 205 22.94 -21.77 -3.02
CA ALA A 205 21.60 -21.27 -3.35
C ALA A 205 21.00 -22.13 -4.47
N ALA A 206 19.69 -22.12 -4.57
CA ALA A 206 19.01 -22.65 -5.76
C ALA A 206 19.55 -21.92 -7.00
N PRO A 207 19.61 -22.58 -8.17
CA PRO A 207 20.17 -21.93 -9.35
C PRO A 207 19.50 -20.59 -9.70
N ALA A 208 20.28 -19.61 -10.18
CA ALA A 208 19.76 -18.26 -10.42
C ALA A 208 19.08 -18.17 -11.79
N LEU A 209 17.92 -17.53 -11.81
CA LEU A 209 17.29 -17.06 -13.06
C LEU A 209 17.26 -15.54 -12.99
N GLN A 210 17.80 -14.90 -14.02
CA GLN A 210 17.78 -13.42 -14.10
C GLN A 210 16.41 -12.98 -14.60
N GLY A 211 15.84 -11.97 -13.95
CA GLY A 211 14.53 -11.43 -14.36
C GLY A 211 14.41 -9.94 -14.12
N PHE A 212 13.59 -9.31 -14.95
CA PHE A 212 13.25 -7.87 -15.08
C PHE A 212 14.01 -7.31 -16.28
N GLY A 213 13.26 -6.77 -17.25
CA GLY A 213 13.84 -6.07 -18.40
C GLY A 213 14.46 -6.98 -19.44
N ILE A 214 14.29 -8.31 -19.37
CA ILE A 214 14.86 -9.24 -20.39
C ILE A 214 13.88 -9.30 -21.56
N SER A 215 14.30 -8.77 -22.71
CA SER A 215 13.41 -8.67 -23.89
C SER A 215 14.10 -9.13 -25.17
N SER A 216 15.38 -9.50 -25.12
CA SER A 216 16.13 -9.81 -26.36
C SER A 216 16.96 -11.06 -26.20
N PRO A 217 17.21 -11.80 -27.30
CA PRO A 217 18.07 -12.97 -27.21
C PRO A 217 19.46 -12.69 -26.62
N GLU A 218 20.07 -11.55 -26.97
CA GLU A 218 21.43 -11.27 -26.46
C GLU A 218 21.42 -11.19 -24.93
N GLN A 219 20.32 -10.77 -24.34
CA GLN A 219 20.24 -10.71 -22.86
C GLN A 219 20.18 -12.12 -22.27
N VAL A 220 19.49 -13.05 -22.93
CA VAL A 220 19.42 -14.45 -22.46
C VAL A 220 20.84 -15.03 -22.51
N SER A 221 21.54 -14.86 -23.63
N SER A 221 21.52 -14.86 -23.63
CA SER A 221 22.93 -15.37 -23.79
CA SER A 221 22.91 -15.34 -23.79
C SER A 221 23.85 -14.71 -22.76
C SER A 221 23.80 -14.72 -22.69
N ALA A 222 23.67 -13.42 -22.47
CA ALA A 222 24.49 -12.70 -21.48
C ALA A 222 24.23 -13.27 -20.07
N ALA A 223 22.99 -13.57 -19.73
CA ALA A 223 22.65 -14.12 -18.39
C ALA A 223 23.41 -15.43 -18.17
N VAL A 224 23.37 -16.32 -19.16
CA VAL A 224 24.05 -17.65 -19.10
C VAL A 224 25.56 -17.42 -19.01
N ARG A 225 26.10 -16.51 -19.82
CA ARG A 225 27.55 -16.20 -19.83
C ARG A 225 27.99 -15.72 -18.45
N ALA A 226 27.14 -14.96 -17.76
CA ALA A 226 27.45 -14.41 -16.42
C ALA A 226 27.40 -15.50 -15.34
N GLY A 227 26.90 -16.71 -15.66
CA GLY A 227 26.87 -17.85 -14.72
C GLY A 227 25.47 -18.14 -14.22
N ALA A 228 24.45 -17.39 -14.67
CA ALA A 228 23.06 -17.69 -14.27
C ALA A 228 22.61 -18.98 -14.96
N ALA A 229 21.65 -19.67 -14.37
CA ALA A 229 21.08 -20.90 -14.96
C ALA A 229 20.08 -20.55 -16.07
N GLY A 230 19.66 -19.29 -16.20
CA GLY A 230 18.69 -18.93 -17.23
C GLY A 230 18.12 -17.55 -17.00
N ALA A 231 17.04 -17.26 -17.71
CA ALA A 231 16.45 -15.92 -17.73
C ALA A 231 14.93 -16.04 -17.86
N ILE A 232 14.26 -15.08 -17.24
CA ILE A 232 12.78 -14.92 -17.27
C ILE A 232 12.46 -13.67 -18.08
N SER A 233 11.45 -13.76 -18.93
CA SER A 233 10.93 -12.63 -19.74
C SER A 233 9.41 -12.56 -19.60
N GLY A 234 8.86 -11.42 -19.17
CA GLY A 234 7.41 -11.28 -19.02
C GLY A 234 6.85 -10.22 -19.93
N SER A 235 7.18 -8.96 -19.65
CA SER A 235 6.60 -7.82 -20.41
C SER A 235 6.78 -8.00 -21.91
N ALA A 236 7.94 -8.47 -22.37
CA ALA A 236 8.17 -8.64 -23.81
C ALA A 236 7.16 -9.63 -24.39
N ILE A 237 6.84 -10.70 -23.66
CA ILE A 237 5.84 -11.72 -24.08
C ILE A 237 4.46 -11.07 -24.04
N VAL A 238 4.15 -10.39 -22.95
CA VAL A 238 2.79 -9.81 -22.73
C VAL A 238 2.56 -8.73 -23.80
N LYS A 239 3.59 -8.00 -24.23
CA LYS A 239 3.45 -6.97 -25.29
C LYS A 239 2.96 -7.62 -26.58
N ILE A 240 3.39 -8.85 -26.89
CA ILE A 240 2.95 -9.57 -28.13
C ILE A 240 1.45 -9.89 -28.02
N ILE A 241 0.99 -10.26 -26.82
CA ILE A 241 -0.46 -10.50 -26.57
C ILE A 241 -1.21 -9.19 -26.82
N GLU A 242 -0.78 -8.12 -26.17
CA GLU A 242 -1.44 -6.79 -26.22
C GLU A 242 -1.52 -6.29 -27.67
N LYS A 243 -0.46 -6.46 -28.46
CA LYS A 243 -0.34 -5.95 -29.85
C LYS A 243 -1.30 -6.72 -30.77
N ASN A 244 -1.64 -7.97 -30.43
CA ASN A 244 -2.29 -8.91 -31.38
C ASN A 244 -3.66 -9.34 -30.86
N LEU A 245 -4.30 -8.57 -29.99
CA LEU A 245 -5.61 -8.95 -29.41
C LEU A 245 -6.63 -9.23 -30.52
N ALA A 246 -6.54 -8.52 -31.64
CA ALA A 246 -7.50 -8.64 -32.76
C ALA A 246 -7.18 -9.84 -33.65
N SER A 247 -5.97 -10.41 -33.59
CA SER A 247 -5.61 -11.59 -34.41
C SER A 247 -5.01 -12.68 -33.55
N PRO A 248 -5.86 -13.51 -32.90
CA PRO A 248 -5.38 -14.65 -32.12
C PRO A 248 -4.36 -15.54 -32.85
N LYS A 249 -4.55 -15.77 -34.15
CA LYS A 249 -3.63 -16.58 -34.98
C LYS A 249 -2.26 -15.89 -35.05
N GLN A 250 -2.21 -14.60 -35.37
CA GLN A 250 -0.93 -13.84 -35.49
C GLN A 250 -0.28 -13.75 -34.12
N MET A 251 -1.08 -13.63 -33.06
CA MET A 251 -0.56 -13.58 -31.69
C MET A 251 0.24 -14.86 -31.43
N LEU A 252 -0.33 -16.03 -31.74
CA LEU A 252 0.36 -17.31 -31.46
C LEU A 252 1.60 -17.44 -32.34
N ALA A 253 1.54 -16.99 -33.59
CA ALA A 253 2.70 -17.05 -34.52
C ALA A 253 3.83 -16.18 -33.97
N GLU A 254 3.52 -14.96 -33.52
CA GLU A 254 4.57 -14.02 -33.03
C GLU A 254 5.11 -14.52 -31.68
N LEU A 255 4.27 -15.10 -30.83
CA LEU A 255 4.76 -15.68 -29.57
C LEU A 255 5.72 -16.83 -29.88
N ARG A 256 5.36 -17.69 -30.82
CA ARG A 256 6.22 -18.82 -31.20
C ARG A 256 7.59 -18.31 -31.69
N SER A 257 7.60 -17.34 -32.60
N SER A 257 7.60 -17.32 -32.58
N SER A 257 7.58 -17.32 -32.58
CA SER A 257 8.86 -16.77 -33.17
CA SER A 257 8.84 -16.78 -33.20
CA SER A 257 8.80 -16.73 -33.20
C SER A 257 9.72 -16.20 -32.04
C SER A 257 9.71 -16.09 -32.15
C SER A 257 9.70 -16.12 -32.13
N PHE A 258 9.11 -15.44 -31.14
CA PHE A 258 9.85 -14.77 -30.05
C PHE A 258 10.42 -15.80 -29.10
N VAL A 259 9.61 -16.75 -28.63
CA VAL A 259 10.09 -17.76 -27.64
C VAL A 259 11.18 -18.61 -28.30
N SER A 260 10.98 -18.99 -29.57
N SER A 260 11.00 -18.98 -29.58
CA SER A 260 12.00 -19.78 -30.31
CA SER A 260 12.00 -19.79 -30.31
C SER A 260 13.35 -19.04 -30.28
C SER A 260 13.36 -19.06 -30.36
N ALA A 261 13.33 -17.75 -30.59
CA ALA A 261 14.57 -16.92 -30.67
C ALA A 261 15.20 -16.78 -29.28
N MET A 262 14.39 -16.58 -28.25
CA MET A 262 14.90 -16.40 -26.88
C MET A 262 15.48 -17.74 -26.41
N LYS A 263 14.79 -18.84 -26.69
CA LYS A 263 15.29 -20.17 -26.27
C LYS A 263 16.58 -20.49 -27.05
N ALA A 264 16.67 -20.19 -28.35
CA ALA A 264 17.89 -20.48 -29.13
C ALA A 264 19.10 -19.82 -28.46
N ALA A 265 18.94 -18.63 -27.88
CA ALA A 265 20.03 -17.85 -27.26
C ALA A 265 20.56 -18.56 -26.02
N SER A 266 19.81 -19.48 -25.43
CA SER A 266 20.20 -20.21 -24.19
C SER A 266 21.09 -21.42 -24.49
N ARG A 267 21.16 -21.86 -25.76
CA ARG A 267 21.77 -23.16 -26.12
C ARG A 267 23.28 -22.98 -26.23
N ALA A 268 24.04 -24.02 -25.90
CA ALA A 268 25.51 -24.07 -26.05
C ALA A 268 25.87 -24.06 -27.54
N THR B 2 16.16 -7.31 10.01
CA THR B 2 16.35 -6.76 11.38
C THR B 2 15.89 -5.30 11.40
N THR B 3 15.24 -4.88 12.48
CA THR B 3 14.78 -3.47 12.66
C THR B 3 15.14 -2.96 14.06
N LEU B 4 15.15 -1.65 14.21
CA LEU B 4 15.42 -0.98 15.50
C LEU B 4 14.16 -1.00 16.36
N LEU B 5 13.00 -0.92 15.71
CA LEU B 5 11.69 -0.83 16.40
C LEU B 5 10.83 -2.01 15.99
N ASN B 6 9.85 -2.31 16.81
CA ASN B 6 8.87 -3.38 16.51
C ASN B 6 7.99 -2.97 15.34
N PRO B 7 8.00 -3.72 14.21
CA PRO B 7 7.15 -3.36 13.06
C PRO B 7 5.67 -3.70 13.24
N TYR B 8 5.34 -4.40 14.31
CA TYR B 8 3.99 -4.93 14.54
C TYR B 8 3.37 -4.28 15.78
N PHE B 9 2.05 -4.19 15.72
CA PHE B 9 1.16 -3.89 16.87
C PHE B 9 0.34 -5.16 17.08
N GLY B 10 0.81 -6.02 17.97
CA GLY B 10 0.27 -7.38 18.09
C GLY B 10 0.44 -8.08 16.75
N GLU B 11 -0.65 -8.56 16.15
CA GLU B 11 -0.60 -9.31 14.87
C GLU B 11 -0.60 -8.35 13.66
N PHE B 12 -0.80 -7.05 13.87
CA PHE B 12 -1.08 -6.11 12.76
C PHE B 12 0.17 -5.31 12.42
N GLY B 13 0.34 -5.03 11.13
CA GLY B 13 1.42 -4.16 10.67
C GLY B 13 2.41 -4.93 9.82
N GLY B 14 3.70 -4.78 10.12
CA GLY B 14 4.74 -5.45 9.32
C GLY B 14 5.23 -4.61 8.17
N MET B 15 5.99 -5.26 7.29
CA MET B 15 6.74 -4.63 6.18
C MET B 15 6.54 -5.48 4.92
N TYR B 16 5.32 -5.53 4.42
CA TYR B 16 4.95 -6.37 3.25
C TYR B 16 5.20 -5.59 1.98
N VAL B 17 6.47 -5.38 1.69
CA VAL B 17 6.91 -4.69 0.45
C VAL B 17 7.80 -5.65 -0.32
N PRO B 18 7.93 -5.43 -1.64
CA PRO B 18 8.97 -6.15 -2.39
C PRO B 18 10.33 -5.96 -1.73
N GLN B 19 11.15 -7.00 -1.85
CA GLN B 19 12.51 -7.03 -1.27
C GLN B 19 13.29 -5.75 -1.64
N ILE B 20 13.13 -5.30 -2.88
CA ILE B 20 13.88 -4.10 -3.37
C ILE B 20 13.64 -2.89 -2.46
N LEU B 21 12.49 -2.80 -1.78
CA LEU B 21 12.15 -1.62 -0.96
C LEU B 21 12.63 -1.75 0.48
N MET B 22 13.11 -2.92 0.91
CA MET B 22 13.48 -3.07 2.34
C MET B 22 14.60 -2.11 2.73
N PRO B 23 15.65 -1.86 1.92
CA PRO B 23 16.65 -0.87 2.31
C PRO B 23 16.09 0.55 2.51
N ALA B 24 15.08 0.91 1.72
CA ALA B 24 14.43 2.24 1.84
C ALA B 24 13.73 2.31 3.21
N LEU B 25 13.02 1.27 3.60
CA LEU B 25 12.32 1.27 4.90
C LEU B 25 13.33 1.27 6.05
N ASN B 26 14.39 0.46 5.93
CA ASN B 26 15.43 0.41 6.99
C ASN B 26 16.10 1.78 7.12
N GLN B 27 16.42 2.43 6.01
CA GLN B 27 17.08 3.75 6.04
C GLN B 27 16.16 4.75 6.74
N LEU B 28 14.89 4.73 6.36
CA LEU B 28 13.92 5.68 6.95
C LEU B 28 13.79 5.42 8.45
N GLU B 29 13.69 4.15 8.85
CA GLU B 29 13.53 3.85 10.29
C GLU B 29 14.74 4.39 11.05
N GLU B 30 15.96 4.16 10.54
CA GLU B 30 17.19 4.60 11.24
C GLU B 30 17.20 6.14 11.34
N ALA B 31 16.81 6.83 10.27
CA ALA B 31 16.83 8.30 10.22
C ALA B 31 15.81 8.84 11.23
N PHE B 32 14.67 8.18 11.34
CA PHE B 32 13.62 8.59 12.30
C PHE B 32 14.09 8.39 13.74
N VAL B 33 14.66 7.22 14.04
CA VAL B 33 15.11 6.93 15.43
C VAL B 33 16.18 7.97 15.81
N SER B 34 17.07 8.27 14.88
CA SER B 34 18.15 9.26 15.09
C SER B 34 17.54 10.65 15.30
N ALA B 35 16.59 11.04 14.45
CA ALA B 35 15.95 12.37 14.50
C ALA B 35 15.24 12.55 15.85
N GLN B 36 14.61 11.49 16.36
CA GLN B 36 13.83 11.57 17.62
C GLN B 36 14.75 11.82 18.82
N LYS B 37 16.04 11.55 18.69
CA LYS B 37 17.05 11.81 19.75
C LYS B 37 17.82 13.11 19.49
N ASP B 38 17.51 13.83 18.42
CA ASP B 38 18.33 14.98 17.96
C ASP B 38 17.64 16.28 18.38
N PRO B 39 18.15 17.02 19.39
CA PRO B 39 17.46 18.23 19.82
C PRO B 39 17.34 19.28 18.69
N GLU B 40 18.29 19.31 17.78
CA GLU B 40 18.24 20.31 16.69
C GLU B 40 17.09 19.96 15.73
N PHE B 41 16.92 18.69 15.44
CA PHE B 41 15.79 18.26 14.59
C PHE B 41 14.48 18.65 15.28
N GLN B 42 14.38 18.35 16.56
CA GLN B 42 13.11 18.62 17.29
C GLN B 42 12.87 20.13 17.31
N ALA B 43 13.91 20.94 17.50
CA ALA B 43 13.77 22.40 17.53
C ALA B 43 13.32 22.92 16.16
N GLN B 44 13.86 22.39 15.07
N GLN B 44 13.90 22.39 15.09
CA GLN B 44 13.45 22.90 13.74
CA GLN B 44 13.52 22.79 13.71
C GLN B 44 12.01 22.47 13.46
C GLN B 44 12.04 22.47 13.50
N PHE B 45 11.63 21.26 13.88
CA PHE B 45 10.24 20.81 13.71
C PHE B 45 9.30 21.70 14.54
N ALA B 46 9.64 21.95 15.80
CA ALA B 46 8.82 22.81 16.68
C ALA B 46 8.67 24.20 16.08
N ASP B 47 9.75 24.75 15.49
N ASP B 47 9.74 24.74 15.51
CA ASP B 47 9.81 26.11 14.89
CA ASP B 47 9.74 26.10 14.91
C ASP B 47 8.84 26.17 13.71
C ASP B 47 8.75 26.12 13.75
N LEU B 48 8.85 25.16 12.84
CA LEU B 48 7.91 25.11 11.70
C LEU B 48 6.48 24.99 12.24
N LEU B 49 6.26 24.10 13.19
CA LEU B 49 4.88 23.86 13.68
C LEU B 49 4.32 25.15 14.27
N LYS B 50 5.12 25.90 15.00
CA LYS B 50 4.65 27.14 15.64
C LYS B 50 4.54 28.27 14.61
N ASN B 51 5.65 28.62 13.97
CA ASN B 51 5.77 29.92 13.25
C ASN B 51 5.24 29.82 11.83
N TYR B 52 5.17 28.63 11.27
CA TYR B 52 4.67 28.41 9.90
C TYR B 52 3.26 27.86 9.96
N ALA B 53 3.02 26.82 10.76
CA ALA B 53 1.69 26.14 10.77
C ALA B 53 0.72 26.77 11.78
N GLY B 54 1.24 27.43 12.81
CA GLY B 54 0.42 28.18 13.79
C GLY B 54 0.07 27.41 15.07
N ARG B 55 0.76 26.31 15.38
CA ARG B 55 0.54 25.60 16.65
C ARG B 55 0.95 26.47 17.84
N PRO B 56 0.31 26.31 19.02
CA PRO B 56 -0.76 25.36 19.29
C PRO B 56 -2.11 25.80 18.69
N THR B 57 -2.94 24.81 18.37
CA THR B 57 -4.31 25.07 17.90
C THR B 57 -5.23 25.23 19.11
N ALA B 58 -6.26 26.03 18.93
CA ALA B 58 -7.27 26.26 19.96
C ALA B 58 -7.98 24.97 20.37
N LEU B 59 -8.49 24.99 21.60
CA LEU B 59 -9.46 23.99 22.07
C LEU B 59 -10.72 24.78 22.43
N THR B 60 -11.77 24.59 21.64
CA THR B 60 -12.98 25.43 21.70
C THR B 60 -14.09 24.71 22.46
N LYS B 61 -14.62 25.32 23.51
CA LYS B 61 -15.80 24.77 24.20
C LYS B 61 -17.04 25.16 23.41
N CYS B 62 -17.83 24.17 23.04
N CYS B 62 -17.79 24.22 22.84
CA CYS B 62 -19.04 24.38 22.20
CA CYS B 62 -19.04 24.58 22.12
C CYS B 62 -20.28 24.29 23.11
C CYS B 62 -20.24 24.33 23.04
N GLN B 63 -20.77 25.44 23.54
CA GLN B 63 -21.86 25.47 24.55
C GLN B 63 -23.24 25.40 23.89
N ASN B 64 -23.43 26.00 22.72
CA ASN B 64 -24.78 26.03 22.11
C ASN B 64 -25.23 24.62 21.75
N ILE B 65 -24.35 23.81 21.17
N ILE B 65 -24.30 23.82 21.24
CA ILE B 65 -24.83 22.49 20.65
CA ILE B 65 -24.60 22.49 20.65
C ILE B 65 -25.12 21.52 21.80
C ILE B 65 -24.90 21.46 21.74
N THR B 66 -24.60 21.75 23.02
CA THR B 66 -24.85 20.83 24.15
C THR B 66 -25.84 21.39 25.17
N ALA B 67 -26.39 22.58 24.93
CA ALA B 67 -27.29 23.25 25.89
C ALA B 67 -28.43 22.30 26.30
N GLY B 68 -28.71 22.22 27.60
CA GLY B 68 -29.80 21.40 28.16
C GLY B 68 -29.42 19.95 28.38
N THR B 69 -28.16 19.58 28.17
CA THR B 69 -27.64 18.23 28.44
C THR B 69 -26.50 18.32 29.45
N ARG B 70 -26.04 17.17 29.93
CA ARG B 70 -24.88 17.09 30.84
C ARG B 70 -23.61 16.72 30.08
N THR B 71 -23.62 16.87 28.76
CA THR B 71 -22.38 16.79 27.94
C THR B 71 -21.68 18.16 27.91
N THR B 72 -20.37 18.14 28.18
CA THR B 72 -19.48 19.27 27.88
C THR B 72 -18.62 18.84 26.70
N LEU B 73 -18.66 19.60 25.61
CA LEU B 73 -17.96 19.24 24.37
C LEU B 73 -16.94 20.31 24.01
N TYR B 74 -15.71 19.86 23.85
CA TYR B 74 -14.62 20.69 23.28
C TYR B 74 -14.28 20.15 21.91
N LEU B 75 -13.86 21.06 21.04
CA LEU B 75 -13.32 20.74 19.71
C LEU B 75 -11.86 21.13 19.65
N LYS B 76 -11.01 20.17 19.33
CA LYS B 76 -9.58 20.45 19.10
C LYS B 76 -9.48 20.97 17.66
N ARG B 77 -9.00 22.20 17.50
CA ARG B 77 -9.21 22.98 16.25
C ARG B 77 -8.07 22.76 15.25
N GLU B 78 -7.91 21.53 14.77
CA GLU B 78 -6.92 21.29 13.69
C GLU B 78 -7.38 21.97 12.38
N ASP B 79 -8.65 22.34 12.29
CA ASP B 79 -9.19 23.14 11.17
C ASP B 79 -8.45 24.47 11.05
N LEU B 80 -7.86 24.97 12.13
CA LEU B 80 -7.16 26.28 12.13
C LEU B 80 -5.69 26.13 11.74
N LEU B 81 -5.18 24.92 11.64
CA LEU B 81 -3.78 24.72 11.22
C LEU B 81 -3.59 25.24 9.80
N HIS B 82 -2.41 25.74 9.47
CA HIS B 82 -2.12 26.10 8.07
C HIS B 82 -2.43 24.91 7.16
N GLY B 83 -3.18 25.16 6.09
CA GLY B 83 -3.63 24.16 5.13
C GLY B 83 -5.05 23.67 5.43
N GLY B 84 -5.53 23.91 6.64
CA GLY B 84 -6.93 23.66 7.02
C GLY B 84 -7.17 22.24 7.49
N ALA B 85 -6.13 21.46 7.73
CA ALA B 85 -6.29 20.10 8.26
C ALA B 85 -5.02 19.72 9.02
N HIS B 86 -5.15 18.69 9.85
CA HIS B 86 -4.06 18.17 10.68
C HIS B 86 -2.90 17.63 9.83
N LYS B 87 -3.13 17.31 8.56
CA LYS B 87 -2.08 16.67 7.74
C LYS B 87 -0.79 17.49 7.76
N THR B 88 -0.90 18.80 7.85
CA THR B 88 0.28 19.68 7.83
C THR B 88 1.31 19.26 8.88
N ASN B 89 0.88 18.78 10.05
CA ASN B 89 1.86 18.50 11.13
C ASN B 89 2.89 17.49 10.61
N GLN B 90 2.42 16.38 10.06
CA GLN B 90 3.33 15.24 9.80
C GLN B 90 4.08 15.44 8.49
N VAL B 91 3.52 16.15 7.53
CA VAL B 91 4.29 16.43 6.28
C VAL B 91 5.49 17.30 6.61
N LEU B 92 5.40 18.23 7.56
CA LEU B 92 6.58 19.04 7.95
C LEU B 92 7.64 18.12 8.56
N GLY B 93 7.24 17.19 9.43
CA GLY B 93 8.21 16.26 10.03
C GLY B 93 8.83 15.37 8.98
N GLN B 94 8.03 14.81 8.09
CA GLN B 94 8.59 13.90 7.07
C GLN B 94 9.48 14.69 6.10
N ALA B 95 9.14 15.92 5.76
CA ALA B 95 10.02 16.73 4.89
C ALA B 95 11.37 16.90 5.59
N LEU B 96 11.37 17.17 6.89
CA LEU B 96 12.64 17.27 7.63
C LEU B 96 13.38 15.93 7.65
N LEU B 97 12.70 14.80 7.73
CA LEU B 97 13.39 13.48 7.63
C LEU B 97 14.03 13.35 6.26
N ALA B 98 13.32 13.73 5.20
CA ALA B 98 13.87 13.63 3.82
C ALA B 98 15.19 14.42 3.78
N LYS B 99 15.17 15.63 4.30
CA LYS B 99 16.37 16.49 4.29
C LYS B 99 17.46 15.88 5.17
N ARG B 100 17.10 15.26 6.28
CA ARG B 100 18.09 14.61 7.17
C ARG B 100 18.84 13.52 6.40
N MET B 101 18.12 12.77 5.57
CA MET B 101 18.71 11.67 4.77
C MET B 101 19.44 12.20 3.54
N GLY B 102 19.36 13.51 3.29
CA GLY B 102 20.07 14.16 2.17
C GLY B 102 19.29 14.08 0.88
N LYS B 103 17.97 13.88 0.95
N LYS B 103 17.96 13.89 0.94
CA LYS B 103 17.12 13.72 -0.26
CA LYS B 103 17.11 13.67 -0.27
C LYS B 103 16.58 15.07 -0.71
C LYS B 103 16.40 14.96 -0.68
N SER B 104 16.29 15.18 -2.01
CA SER B 104 15.85 16.45 -2.64
C SER B 104 14.44 16.32 -3.24
N GLU B 105 13.89 15.11 -3.26
CA GLU B 105 12.62 14.86 -3.98
C GLU B 105 11.65 14.17 -3.03
N ILE B 106 10.36 14.46 -3.25
CA ILE B 106 9.25 13.89 -2.47
C ILE B 106 8.28 13.21 -3.44
N ILE B 107 7.86 12.01 -3.07
CA ILE B 107 6.72 11.30 -3.70
C ILE B 107 5.56 11.29 -2.70
N ALA B 108 4.34 11.51 -3.14
CA ALA B 108 3.17 11.39 -2.25
C ALA B 108 1.98 10.85 -3.02
N GLU B 109 1.11 10.12 -2.33
CA GLU B 109 -0.20 9.69 -2.88
C GLU B 109 -1.26 10.64 -2.34
N THR B 110 -2.37 10.76 -3.04
CA THR B 110 -3.53 11.50 -2.50
C THR B 110 -4.80 10.99 -3.15
N GLY B 111 -5.89 11.01 -2.39
CA GLY B 111 -7.24 10.70 -2.89
C GLY B 111 -8.11 11.94 -2.92
N ALA B 112 -8.45 12.46 -1.75
CA ALA B 112 -9.23 13.71 -1.60
C ALA B 112 -8.39 14.90 -2.09
N GLY B 113 -7.07 14.79 -2.06
CA GLY B 113 -6.18 15.86 -2.51
C GLY B 113 -5.59 16.65 -1.36
N GLN B 114 -6.08 16.49 -0.14
N GLN B 114 -6.05 16.43 -0.14
CA GLN B 114 -5.58 17.26 1.03
CA GLN B 114 -5.62 17.21 1.06
C GLN B 114 -4.13 16.87 1.30
C GLN B 114 -4.16 16.84 1.38
N HIS B 115 -3.81 15.57 1.29
CA HIS B 115 -2.41 15.15 1.52
C HIS B 115 -1.52 15.67 0.38
N GLY B 116 -2.02 15.65 -0.85
CA GLY B 116 -1.25 16.20 -1.98
C GLY B 116 -0.93 17.66 -1.72
N VAL B 117 -1.92 18.44 -1.30
CA VAL B 117 -1.69 19.88 -1.03
C VAL B 117 -0.72 20.02 0.14
N ALA B 118 -0.88 19.24 1.21
CA ALA B 118 0.00 19.32 2.39
C ALA B 118 1.43 18.99 1.98
N SER B 119 1.62 17.94 1.19
N SER B 119 1.61 17.93 1.20
CA SER B 119 2.97 17.55 0.72
CA SER B 119 2.94 17.51 0.70
C SER B 119 3.56 18.66 -0.16
C SER B 119 3.55 18.62 -0.15
N ALA B 120 2.74 19.22 -1.03
CA ALA B 120 3.20 20.29 -1.93
C ALA B 120 3.61 21.52 -1.13
N LEU B 121 2.83 21.91 -0.13
CA LEU B 121 3.17 23.15 0.64
C LEU B 121 4.45 22.92 1.45
N ALA B 122 4.62 21.74 2.05
CA ALA B 122 5.84 21.47 2.85
C ALA B 122 7.04 21.48 1.91
N SER B 123 6.86 20.90 0.71
CA SER B 123 7.96 20.80 -0.29
C SER B 123 8.32 22.20 -0.79
N ALA B 124 7.34 23.05 -1.05
CA ALA B 124 7.59 24.44 -1.50
C ALA B 124 8.40 25.17 -0.43
N LEU B 125 7.98 25.05 0.82
CA LEU B 125 8.65 25.77 1.93
C LEU B 125 10.10 25.27 2.05
N LEU B 126 10.32 23.97 1.96
CA LEU B 126 11.61 23.38 2.40
C LEU B 126 12.50 23.01 1.21
N GLY B 127 12.14 23.43 0.00
CA GLY B 127 13.05 23.29 -1.17
C GLY B 127 13.16 21.87 -1.67
N LEU B 128 12.08 21.12 -1.66
CA LEU B 128 12.03 19.75 -2.19
C LEU B 128 11.18 19.75 -3.45
N LYS B 129 11.55 18.92 -4.42
N LYS B 129 11.50 18.85 -4.38
CA LYS B 129 10.77 18.69 -5.65
CA LYS B 129 10.78 18.67 -5.66
C LYS B 129 9.72 17.62 -5.35
C LYS B 129 9.72 17.59 -5.50
N CYS B 130 8.45 17.97 -5.50
CA CYS B 130 7.33 17.12 -5.11
C CYS B 130 6.59 16.57 -6.33
N ARG B 131 6.35 15.27 -6.34
CA ARG B 131 5.47 14.63 -7.34
C ARG B 131 4.41 13.83 -6.58
N ILE B 132 3.18 13.98 -7.04
CA ILE B 132 1.98 13.47 -6.36
C ILE B 132 1.24 12.54 -7.30
N TYR B 133 0.98 11.32 -6.85
CA TYR B 133 0.16 10.34 -7.59
C TYR B 133 -1.28 10.46 -7.10
N MET B 134 -2.20 10.47 -8.04
CA MET B 134 -3.63 10.61 -7.74
C MET B 134 -4.40 9.80 -8.78
N GLY B 135 -5.30 8.93 -8.31
CA GLY B 135 -6.17 8.17 -9.23
C GLY B 135 -6.90 9.12 -10.17
N ALA B 136 -7.01 8.77 -11.45
CA ALA B 136 -7.61 9.64 -12.48
C ALA B 136 -9.04 10.02 -12.07
N LYS B 137 -9.78 9.14 -11.42
CA LYS B 137 -11.17 9.44 -10.99
C LYS B 137 -11.13 10.54 -9.93
N ASP B 138 -10.13 10.52 -9.06
CA ASP B 138 -9.98 11.54 -8.00
C ASP B 138 -9.51 12.85 -8.63
N VAL B 139 -8.60 12.80 -9.60
CA VAL B 139 -8.15 14.03 -10.32
C VAL B 139 -9.38 14.77 -10.85
N GLU B 140 -10.29 14.04 -11.51
CA GLU B 140 -11.51 14.58 -12.13
C GLU B 140 -12.42 15.22 -11.08
N ARG B 141 -12.50 14.65 -9.88
CA ARG B 141 -13.42 15.06 -8.78
C ARG B 141 -12.81 16.21 -7.96
N GLN B 142 -11.50 16.43 -8.02
CA GLN B 142 -10.79 17.33 -7.07
C GLN B 142 -9.97 18.40 -7.82
N SER B 143 -10.56 19.02 -8.83
N SER B 143 -10.56 19.06 -8.81
CA SER B 143 -9.92 20.09 -9.65
CA SER B 143 -9.86 20.07 -9.65
C SER B 143 -9.33 21.17 -8.74
C SER B 143 -9.36 21.24 -8.80
N PRO B 144 -10.06 21.68 -7.71
CA PRO B 144 -9.49 22.71 -6.84
C PRO B 144 -8.17 22.29 -6.16
N ASN B 145 -8.14 21.09 -5.58
CA ASN B 145 -6.90 20.63 -4.89
C ASN B 145 -5.78 20.41 -5.92
N VAL B 146 -6.11 19.87 -7.08
CA VAL B 146 -5.07 19.66 -8.14
C VAL B 146 -4.47 21.01 -8.51
N PHE B 147 -5.29 22.04 -8.64
CA PHE B 147 -4.80 23.39 -8.99
C PHE B 147 -3.93 23.94 -7.85
N ARG B 148 -4.34 23.74 -6.60
CA ARG B 148 -3.53 24.18 -5.43
C ARG B 148 -2.16 23.50 -5.50
N MET B 149 -2.13 22.19 -5.75
CA MET B 149 -0.85 21.45 -5.80
C MET B 149 0.04 22.06 -6.88
N ARG B 150 -0.51 22.34 -8.05
CA ARG B 150 0.28 22.91 -9.17
C ARG B 150 0.71 24.35 -8.86
N LEU B 151 -0.12 25.15 -8.19
CA LEU B 151 0.28 26.52 -7.77
C LEU B 151 1.53 26.45 -6.88
N MET B 152 1.64 25.40 -6.07
N MET B 152 1.61 25.40 -6.05
CA MET B 152 2.77 25.25 -5.13
CA MET B 152 2.72 25.16 -5.08
C MET B 152 3.96 24.55 -5.81
C MET B 152 3.93 24.54 -5.79
N GLY B 153 3.87 24.32 -7.11
CA GLY B 153 5.02 23.85 -7.91
C GLY B 153 5.14 22.34 -7.92
N ALA B 154 4.13 21.60 -7.43
CA ALA B 154 4.19 20.11 -7.42
C ALA B 154 3.74 19.57 -8.78
N GLU B 155 4.30 18.43 -9.16
CA GLU B 155 3.85 17.64 -10.33
C GLU B 155 2.71 16.74 -9.87
N VAL B 156 1.59 16.75 -10.59
CA VAL B 156 0.45 15.84 -10.26
C VAL B 156 0.33 14.83 -11.40
N ILE B 157 0.44 13.54 -11.07
CA ILE B 157 0.48 12.43 -12.07
C ILE B 157 -0.76 11.60 -11.89
N PRO B 158 -1.71 11.65 -12.86
CA PRO B 158 -2.90 10.80 -12.79
C PRO B 158 -2.53 9.32 -12.96
N VAL B 159 -3.23 8.48 -12.19
CA VAL B 159 -3.04 7.00 -12.18
C VAL B 159 -4.29 6.35 -12.77
N HIS B 160 -4.10 5.57 -13.83
CA HIS B 160 -5.19 5.01 -14.66
C HIS B 160 -5.35 3.51 -14.42
N SER B 161 -4.43 2.89 -13.69
CA SER B 161 -4.42 1.42 -13.43
C SER B 161 -5.45 1.06 -12.35
N GLY B 162 -5.74 -0.23 -12.25
CA GLY B 162 -6.74 -0.78 -11.30
C GLY B 162 -8.02 0.03 -11.33
N SER B 163 -8.45 0.54 -10.18
CA SER B 163 -9.73 1.28 -10.03
C SER B 163 -9.54 2.80 -10.17
N ALA B 164 -8.35 3.27 -10.50
CA ALA B 164 -8.05 4.70 -10.79
C ALA B 164 -8.47 5.58 -9.61
N THR B 165 -8.22 5.12 -8.38
CA THR B 165 -8.57 5.86 -7.15
C THR B 165 -7.44 5.70 -6.15
N LEU B 166 -7.69 5.95 -4.87
CA LEU B 166 -6.60 6.13 -3.89
C LEU B 166 -5.73 4.88 -3.79
N LYS B 167 -6.29 3.68 -3.69
CA LYS B 167 -5.41 2.48 -3.51
C LYS B 167 -4.47 2.39 -4.71
N ASP B 168 -4.95 2.76 -5.89
CA ASP B 168 -4.15 2.71 -7.14
C ASP B 168 -3.03 3.73 -7.09
N ALA B 169 -3.28 4.91 -6.54
CA ALA B 169 -2.23 5.94 -6.34
C ALA B 169 -1.22 5.46 -5.29
N CYS B 170 -1.67 4.80 -4.22
CA CYS B 170 -0.78 4.20 -3.19
C CYS B 170 0.19 3.24 -3.90
N ASN B 171 -0.35 2.37 -4.76
CA ASN B 171 0.48 1.39 -5.49
C ASN B 171 1.52 2.12 -6.33
N GLU B 172 1.07 3.14 -7.06
CA GLU B 172 1.95 3.84 -8.02
C GLU B 172 3.07 4.54 -7.26
N ALA B 173 2.76 5.16 -6.12
CA ALA B 173 3.80 5.81 -5.30
C ALA B 173 4.88 4.79 -4.91
N LEU B 174 4.48 3.60 -4.49
CA LEU B 174 5.43 2.54 -4.09
C LEU B 174 6.17 2.04 -5.33
N ARG B 175 5.53 1.91 -6.49
CA ARG B 175 6.25 1.53 -7.74
C ARG B 175 7.37 2.53 -8.03
N ASP B 176 7.05 3.82 -7.96
CA ASP B 176 8.03 4.89 -8.22
C ASP B 176 9.16 4.76 -7.19
N TRP B 177 8.83 4.68 -5.91
CA TRP B 177 9.86 4.63 -4.84
C TRP B 177 10.77 3.42 -5.06
N SER B 178 10.25 2.30 -5.55
N SER B 178 10.22 2.29 -5.52
CA SER B 178 11.02 1.05 -5.74
CA SER B 178 10.97 1.03 -5.80
C SER B 178 12.10 1.23 -6.81
C SER B 178 12.17 1.33 -6.71
N GLY B 179 12.03 2.30 -7.61
CA GLY B 179 13.06 2.66 -8.59
C GLY B 179 13.78 3.97 -8.28
N SER B 180 13.44 4.68 -7.18
CA SER B 180 13.94 6.07 -6.98
C SER B 180 14.36 6.38 -5.54
N TYR B 181 14.35 5.39 -4.64
N TYR B 181 14.28 5.44 -4.60
CA TYR B 181 14.48 5.67 -3.18
CA TYR B 181 14.44 5.79 -3.16
C TYR B 181 15.87 6.17 -2.80
C TYR B 181 15.83 6.36 -2.85
N GLU B 182 16.85 6.10 -3.68
CA GLU B 182 18.18 6.70 -3.37
C GLU B 182 18.09 8.23 -3.41
N THR B 183 17.15 8.80 -4.17
CA THR B 183 17.03 10.27 -4.36
C THR B 183 15.71 10.82 -3.78
N ALA B 184 14.66 10.01 -3.69
CA ALA B 184 13.32 10.49 -3.32
C ALA B 184 12.89 9.84 -2.02
N HIS B 185 12.20 10.62 -1.20
CA HIS B 185 11.48 10.15 0.00
C HIS B 185 10.00 9.99 -0.33
N TYR B 186 9.41 8.88 0.07
CA TYR B 186 7.96 8.64 -0.05
C TYR B 186 7.27 9.20 1.20
N MET B 187 6.55 10.30 1.00
N MET B 187 6.59 10.34 1.04
CA MET B 187 5.83 10.97 2.10
CA MET B 187 5.85 10.98 2.14
C MET B 187 4.42 10.38 2.16
C MET B 187 4.43 10.40 2.18
N LEU B 188 4.29 9.25 2.84
CA LEU B 188 3.01 8.52 2.97
C LEU B 188 2.06 9.41 3.78
N GLY B 189 0.79 9.41 3.41
CA GLY B 189 -0.18 10.41 3.90
C GLY B 189 -0.96 10.00 5.14
N THR B 190 -0.74 8.84 5.74
CA THR B 190 -1.54 8.44 6.91
C THR B 190 -0.75 7.47 7.77
N ALA B 191 -1.32 7.10 8.92
CA ALA B 191 -0.67 6.20 9.89
C ALA B 191 -0.92 4.74 9.49
N ALA B 192 -0.51 4.39 8.27
CA ALA B 192 -0.74 3.07 7.67
C ALA B 192 0.45 2.78 6.76
N GLY B 193 0.35 1.69 6.03
CA GLY B 193 1.45 1.26 5.17
C GLY B 193 2.48 0.48 5.98
N PRO B 194 3.62 0.18 5.34
CA PRO B 194 4.64 -0.63 5.99
C PRO B 194 5.33 0.15 7.11
N HIS B 195 5.81 -0.58 8.11
CA HIS B 195 6.74 -0.02 9.10
C HIS B 195 7.89 0.60 8.33
N PRO B 196 8.36 1.81 8.69
CA PRO B 196 8.02 2.51 9.94
C PRO B 196 6.92 3.58 9.85
N TYR B 197 6.14 3.63 8.79
CA TYR B 197 5.20 4.77 8.59
C TYR B 197 4.15 4.84 9.69
N PRO B 198 3.48 3.76 10.16
CA PRO B 198 2.48 3.94 11.19
C PRO B 198 3.07 4.60 12.45
N THR B 199 4.29 4.23 12.79
CA THR B 199 4.98 4.77 13.97
C THR B 199 5.36 6.24 13.71
N ILE B 200 6.00 6.53 12.58
CA ILE B 200 6.44 7.91 12.28
C ILE B 200 5.24 8.85 12.28
N VAL B 201 4.19 8.48 11.57
CA VAL B 201 3.04 9.41 11.40
C VAL B 201 2.40 9.63 12.78
N ARG B 202 2.28 8.60 13.61
CA ARG B 202 1.78 8.83 14.98
C ARG B 202 2.66 9.83 15.71
N GLU B 203 3.97 9.63 15.70
CA GLU B 203 4.84 10.50 16.51
C GLU B 203 4.83 11.93 15.95
N PHE B 204 4.61 12.09 14.66
CA PHE B 204 4.56 13.45 14.05
C PHE B 204 3.15 14.05 14.09
N GLN B 205 2.19 13.36 14.68
CA GLN B 205 0.82 13.90 14.92
C GLN B 205 0.53 13.98 16.43
N ARG B 206 1.40 13.48 17.30
CA ARG B 206 0.99 13.27 18.71
C ARG B 206 0.85 14.59 19.44
N MET B 207 1.33 15.70 18.88
CA MET B 207 1.14 17.01 19.51
C MET B 207 -0.35 17.33 19.60
N ILE B 208 -1.20 16.74 18.76
CA ILE B 208 -2.66 16.98 18.85
C ILE B 208 -3.12 16.59 20.26
N GLY B 209 -2.87 15.35 20.64
CA GLY B 209 -3.29 14.83 21.95
C GLY B 209 -2.52 15.48 23.09
N GLU B 210 -1.23 15.76 22.91
CA GLU B 210 -0.43 16.39 24.00
C GLU B 210 -1.02 17.76 24.31
N GLU B 211 -1.28 18.57 23.29
CA GLU B 211 -1.88 19.90 23.53
C GLU B 211 -3.27 19.74 24.14
N THR B 212 -4.07 18.82 23.61
CA THR B 212 -5.44 18.62 24.12
C THR B 212 -5.38 18.34 25.61
N LYS B 213 -4.48 17.44 26.02
CA LYS B 213 -4.36 17.06 27.44
C LYS B 213 -4.05 18.31 28.27
N ALA B 214 -3.07 19.10 27.84
CA ALA B 214 -2.67 20.29 28.62
C ALA B 214 -3.84 21.28 28.67
N GLN B 215 -4.52 21.45 27.56
CA GLN B 215 -5.61 22.45 27.46
C GLN B 215 -6.80 22.02 28.32
N ILE B 216 -7.18 20.75 28.26
N ILE B 216 -7.17 20.74 28.28
CA ILE B 216 -8.36 20.29 29.03
CA ILE B 216 -8.30 20.21 29.12
C ILE B 216 -8.04 20.35 30.53
C ILE B 216 -7.87 20.24 30.60
N LEU B 217 -6.82 20.00 30.93
N LEU B 217 -6.61 19.97 30.93
CA LEU B 217 -6.43 20.11 32.37
CA LEU B 217 -6.14 20.08 32.34
C LEU B 217 -6.53 21.58 32.79
C LEU B 217 -6.33 21.53 32.82
N ASP B 218 -6.02 22.49 31.96
CA ASP B 218 -6.04 23.93 32.30
C ASP B 218 -7.50 24.40 32.46
N LYS B 219 -8.38 23.97 31.58
CA LYS B 219 -9.76 24.50 31.50
C LYS B 219 -10.70 23.75 32.46
N GLU B 220 -10.50 22.45 32.65
CA GLU B 220 -11.48 21.61 33.39
C GLU B 220 -10.86 20.97 34.63
N GLY B 221 -9.54 20.97 34.75
CA GLY B 221 -8.84 20.39 35.91
C GLY B 221 -8.87 18.88 35.96
N ARG B 222 -9.10 18.24 34.81
N ARG B 222 -9.22 18.21 34.85
CA ARG B 222 -9.21 16.76 34.74
CA ARG B 222 -9.29 16.73 34.76
C ARG B 222 -8.96 16.35 33.29
C ARG B 222 -9.22 16.31 33.30
N LEU B 223 -8.91 15.04 33.07
CA LEU B 223 -8.86 14.45 31.73
C LEU B 223 -10.26 14.32 31.17
N PRO B 224 -10.37 14.21 29.84
CA PRO B 224 -11.66 13.95 29.22
C PRO B 224 -12.18 12.55 29.59
N ASP B 225 -13.49 12.39 29.58
CA ASP B 225 -14.08 11.04 29.62
C ASP B 225 -13.80 10.29 28.32
N ALA B 226 -13.77 10.97 27.19
CA ALA B 226 -13.49 10.32 25.91
C ALA B 226 -12.98 11.37 24.93
N VAL B 227 -12.10 10.91 24.05
CA VAL B 227 -11.66 11.67 22.86
C VAL B 227 -12.13 10.89 21.63
N ILE B 228 -12.64 11.63 20.66
CA ILE B 228 -13.38 11.07 19.50
C ILE B 228 -12.77 11.62 18.23
N ALA B 229 -12.46 10.74 17.29
CA ALA B 229 -11.80 11.16 16.05
C ALA B 229 -12.26 10.27 14.92
N CYS B 230 -12.40 10.84 13.74
CA CYS B 230 -12.68 10.07 12.53
C CYS B 230 -11.44 9.27 12.09
N VAL B 231 -11.70 8.20 11.36
CA VAL B 231 -10.64 7.25 10.93
C VAL B 231 -10.78 7.01 9.43
N GLY B 232 -9.87 7.64 8.67
CA GLY B 232 -9.69 7.38 7.24
C GLY B 232 -8.60 6.35 7.03
N GLY B 233 -7.36 6.74 7.23
CA GLY B 233 -6.23 5.81 7.41
C GLY B 233 -5.81 5.70 8.86
N GLY B 234 -6.08 6.71 9.69
CA GLY B 234 -5.79 6.62 11.13
C GLY B 234 -4.91 7.72 11.70
N SER B 235 -4.43 8.68 10.92
CA SER B 235 -3.43 9.67 11.43
C SER B 235 -4.01 10.67 12.44
N ASN B 236 -5.13 11.32 12.13
CA ASN B 236 -5.62 12.34 13.11
C ASN B 236 -6.05 11.62 14.39
N ALA B 237 -6.64 10.44 14.24
CA ALA B 237 -7.15 9.71 15.41
C ALA B 237 -5.96 9.27 16.29
N ILE B 238 -4.93 8.66 15.70
CA ILE B 238 -3.81 8.21 16.54
C ILE B 238 -3.06 9.42 17.10
N GLY B 239 -3.04 10.54 16.37
CA GLY B 239 -2.42 11.77 16.91
C GLY B 239 -3.14 12.28 18.14
N MET B 240 -4.47 12.23 18.11
CA MET B 240 -5.24 12.60 19.32
C MET B 240 -5.08 11.54 20.41
N PHE B 241 -5.11 10.26 20.05
CA PHE B 241 -5.13 9.17 21.05
C PHE B 241 -3.82 8.99 21.79
N ALA B 242 -2.68 9.19 21.10
CA ALA B 242 -1.40 8.62 21.58
C ALA B 242 -1.12 9.01 23.02
N ASP B 243 -1.20 10.30 23.34
CA ASP B 243 -0.81 10.79 24.67
C ASP B 243 -1.78 10.34 25.75
N PHE B 244 -2.95 9.83 25.39
CA PHE B 244 -3.96 9.34 26.36
C PHE B 244 -3.92 7.83 26.50
N ILE B 245 -3.16 7.10 25.68
CA ILE B 245 -3.25 5.61 25.70
C ILE B 245 -3.00 5.12 27.13
N ASN B 246 -2.05 5.69 27.84
CA ASN B 246 -1.70 5.21 29.21
C ASN B 246 -2.63 5.78 30.29
N ASP B 247 -3.53 6.71 29.94
CA ASP B 247 -4.56 7.23 30.86
C ASP B 247 -5.81 6.36 30.70
N THR B 248 -5.88 5.28 31.48
CA THR B 248 -6.80 4.14 31.24
C THR B 248 -8.26 4.60 31.38
N SER B 249 -8.53 5.70 32.10
CA SER B 249 -9.88 6.26 32.30
C SER B 249 -10.39 6.98 31.06
N VAL B 250 -9.52 7.34 30.12
CA VAL B 250 -9.93 8.14 28.94
C VAL B 250 -10.35 7.21 27.82
N GLY B 251 -11.61 7.29 27.41
CA GLY B 251 -12.10 6.55 26.26
C GLY B 251 -11.43 7.05 24.98
N LEU B 252 -11.15 6.13 24.08
CA LEU B 252 -10.58 6.45 22.76
C LEU B 252 -11.60 5.92 21.75
N ILE B 253 -12.27 6.80 21.04
CA ILE B 253 -13.36 6.39 20.12
C ILE B 253 -12.98 6.82 18.71
N GLY B 254 -12.84 5.82 17.85
CA GLY B 254 -12.57 6.06 16.42
C GLY B 254 -13.83 5.87 15.62
N VAL B 255 -14.07 6.76 14.68
CA VAL B 255 -15.31 6.75 13.89
C VAL B 255 -14.98 6.47 12.42
N GLU B 256 -15.36 5.32 11.95
CA GLU B 256 -15.22 4.93 10.52
C GLU B 256 -16.44 5.44 9.76
N PRO B 257 -16.29 5.70 8.45
CA PRO B 257 -17.43 6.08 7.63
C PRO B 257 -18.35 4.88 7.36
N GLY B 258 -19.62 5.10 7.69
CA GLY B 258 -20.68 4.11 7.42
C GLY B 258 -21.29 4.28 6.04
N GLY B 259 -20.96 5.34 5.31
CA GLY B 259 -21.43 5.53 3.94
C GLY B 259 -22.94 5.53 3.87
N HIS B 260 -23.51 4.71 3.00
CA HIS B 260 -24.98 4.57 2.84
C HIS B 260 -25.58 3.65 3.92
N GLY B 261 -24.74 3.07 4.77
CA GLY B 261 -25.14 2.15 5.84
C GLY B 261 -24.33 0.88 5.74
N ILE B 262 -23.88 0.33 6.86
CA ILE B 262 -23.01 -0.88 6.85
C ILE B 262 -23.71 -1.99 6.06
N GLU B 263 -25.02 -2.15 6.24
CA GLU B 263 -25.77 -3.27 5.61
C GLU B 263 -25.77 -3.17 4.08
N THR B 264 -25.55 -1.97 3.50
CA THR B 264 -25.55 -1.75 2.03
C THR B 264 -24.23 -2.25 1.43
N GLY B 265 -23.19 -2.43 2.24
CA GLY B 265 -21.81 -2.71 1.79
C GLY B 265 -21.11 -1.47 1.21
N GLU B 266 -21.79 -0.32 1.17
N GLU B 266 -21.82 -0.35 1.09
CA GLU B 266 -21.22 0.91 0.58
CA GLU B 266 -21.27 0.94 0.59
C GLU B 266 -20.76 1.80 1.73
C GLU B 266 -20.81 1.74 1.80
N HIS B 267 -19.58 1.49 2.25
CA HIS B 267 -19.04 2.11 3.48
C HIS B 267 -17.51 2.07 3.39
N GLY B 268 -16.87 2.60 4.40
CA GLY B 268 -15.40 2.58 4.53
C GLY B 268 -15.01 2.15 5.92
N ALA B 269 -15.61 1.07 6.44
CA ALA B 269 -15.45 0.67 7.85
C ALA B 269 -14.81 -0.71 7.95
N PRO B 270 -13.57 -0.88 7.46
CA PRO B 270 -12.92 -2.18 7.50
C PRO B 270 -12.60 -2.66 8.91
N LEU B 271 -12.30 -1.76 9.85
CA LEU B 271 -11.85 -2.22 11.17
C LEU B 271 -12.95 -3.07 11.80
N LYS B 272 -14.21 -2.63 11.69
CA LYS B 272 -15.32 -3.37 12.33
C LYS B 272 -16.06 -4.27 11.32
N HIS B 273 -15.95 -4.02 10.01
CA HIS B 273 -16.82 -4.72 9.01
C HIS B 273 -16.02 -5.30 7.85
N GLY B 274 -14.69 -5.24 7.91
CA GLY B 274 -13.82 -5.88 6.91
C GLY B 274 -13.28 -7.19 7.42
N ARG B 275 -12.16 -7.61 6.84
CA ARG B 275 -11.50 -8.91 7.08
C ARG B 275 -10.00 -8.63 7.05
N VAL B 276 -9.21 -9.19 7.96
CA VAL B 276 -7.74 -8.97 7.93
C VAL B 276 -7.20 -9.48 6.59
N GLY B 277 -6.32 -8.69 6.00
CA GLY B 277 -5.63 -9.03 4.76
C GLY B 277 -4.23 -8.43 4.78
N ILE B 278 -3.54 -8.58 3.66
CA ILE B 278 -2.18 -8.01 3.50
C ILE B 278 -2.21 -7.15 2.24
N TYR B 279 -2.02 -5.86 2.39
CA TYR B 279 -2.04 -4.92 1.25
C TYR B 279 -1.42 -3.62 1.72
N PHE B 280 -0.84 -2.86 0.80
CA PHE B 280 -0.19 -1.56 1.08
C PHE B 280 0.87 -1.74 2.17
N GLY B 281 1.57 -2.86 2.15
CA GLY B 281 2.73 -3.06 3.01
C GLY B 281 2.38 -3.50 4.41
N MET B 282 1.10 -3.79 4.68
CA MET B 282 0.70 -4.07 6.08
C MET B 282 -0.31 -5.22 6.13
N LYS B 283 -0.32 -5.88 7.28
CA LYS B 283 -1.39 -6.81 7.67
C LYS B 283 -2.39 -5.99 8.50
N ALA B 284 -3.60 -5.85 7.99
CA ALA B 284 -4.59 -4.95 8.61
C ALA B 284 -5.97 -5.34 8.13
N PRO B 285 -7.02 -4.93 8.85
CA PRO B 285 -8.37 -5.10 8.34
C PRO B 285 -8.53 -4.38 7.01
N MET B 286 -9.24 -5.00 6.08
N MET B 286 -9.20 -5.07 6.08
CA MET B 286 -9.49 -4.30 4.81
CA MET B 286 -9.40 -4.70 4.65
C MET B 286 -10.73 -4.88 4.16
C MET B 286 -10.88 -4.85 4.29
N MET B 287 -11.36 -4.02 3.38
CA MET B 287 -12.54 -4.40 2.59
C MET B 287 -12.03 -5.17 1.37
N GLN B 288 -12.53 -6.38 1.21
CA GLN B 288 -12.01 -7.23 0.13
C GLN B 288 -13.11 -8.18 -0.32
N THR B 289 -13.00 -8.65 -1.54
CA THR B 289 -13.93 -9.65 -2.07
C THR B 289 -13.69 -10.98 -1.36
N ALA B 290 -14.60 -11.92 -1.51
CA ALA B 290 -14.52 -13.26 -0.87
C ALA B 290 -13.21 -13.94 -1.31
N ASP B 291 -12.74 -13.65 -2.53
CA ASP B 291 -11.53 -14.32 -3.04
C ASP B 291 -10.28 -13.42 -2.94
N GLY B 292 -10.35 -12.30 -2.21
CA GLY B 292 -9.14 -11.59 -1.78
C GLY B 292 -8.70 -10.46 -2.67
N GLN B 293 -9.57 -9.97 -3.55
CA GLN B 293 -9.26 -8.73 -4.31
C GLN B 293 -9.60 -7.56 -3.40
N ILE B 294 -8.88 -6.46 -3.51
CA ILE B 294 -9.15 -5.29 -2.63
C ILE B 294 -10.39 -4.58 -3.17
N GLU B 295 -11.34 -4.34 -2.28
CA GLU B 295 -12.68 -3.83 -2.64
C GLU B 295 -12.68 -2.30 -2.70
N GLU B 296 -13.76 -1.84 -3.29
CA GLU B 296 -14.04 -0.40 -3.37
C GLU B 296 -14.75 0.01 -2.07
N SER B 297 -14.16 0.98 -1.37
CA SER B 297 -14.80 1.65 -0.22
C SER B 297 -15.68 2.78 -0.73
N TYR B 298 -16.48 3.34 0.16
CA TYR B 298 -17.35 4.50 -0.15
C TYR B 298 -17.57 5.32 1.12
N SER B 299 -17.50 6.63 0.95
CA SER B 299 -18.00 7.64 1.93
C SER B 299 -18.39 8.89 1.18
N ILE B 300 -19.34 9.65 1.72
CA ILE B 300 -19.58 11.02 1.22
C ILE B 300 -18.29 11.83 1.30
N SER B 301 -17.40 11.55 2.26
N SER B 301 -17.41 11.51 2.25
CA SER B 301 -16.15 12.31 2.50
CA SER B 301 -16.15 12.23 2.49
C SER B 301 -14.94 11.56 1.92
C SER B 301 -14.96 11.49 1.86
N ALA B 302 -14.34 12.10 0.87
CA ALA B 302 -13.18 11.50 0.15
C ALA B 302 -12.03 11.23 1.13
N GLY B 303 -11.86 12.04 2.17
CA GLY B 303 -10.75 11.87 3.11
C GLY B 303 -10.88 10.58 3.90
N LEU B 304 -12.09 10.02 4.00
CA LEU B 304 -12.30 8.76 4.76
C LEU B 304 -12.41 7.55 3.84
N ASP B 305 -12.38 7.76 2.54
CA ASP B 305 -12.75 6.73 1.54
C ASP B 305 -11.51 5.92 1.18
N PHE B 306 -11.27 4.86 1.93
CA PHE B 306 -10.11 3.96 1.76
C PHE B 306 -10.52 2.61 2.32
N PRO B 307 -10.19 1.48 1.64
CA PRO B 307 -10.66 0.18 2.09
C PRO B 307 -9.83 -0.46 3.21
N SER B 308 -8.88 0.25 3.81
CA SER B 308 -8.14 -0.31 4.97
C SER B 308 -7.99 0.74 6.08
N VAL B 309 -7.09 0.47 7.02
CA VAL B 309 -6.94 1.24 8.27
C VAL B 309 -5.57 0.93 8.87
N GLY B 310 -4.98 1.89 9.55
CA GLY B 310 -3.66 1.70 10.14
C GLY B 310 -3.67 0.59 11.19
N PRO B 311 -2.53 -0.12 11.30
CA PRO B 311 -2.48 -1.31 12.13
C PRO B 311 -2.57 -1.02 13.64
N GLN B 312 -2.13 0.16 14.08
CA GLN B 312 -2.21 0.44 15.52
C GLN B 312 -3.69 0.52 15.95
N HIS B 313 -4.58 1.02 15.09
CA HIS B 313 -6.02 1.05 15.43
C HIS B 313 -6.53 -0.37 15.56
N ALA B 314 -6.20 -1.24 14.62
CA ALA B 314 -6.64 -2.65 14.67
C ALA B 314 -6.16 -3.26 15.99
N TYR B 315 -4.94 -2.96 16.42
CA TYR B 315 -4.39 -3.50 17.66
C TYR B 315 -5.13 -2.93 18.88
N LEU B 316 -5.27 -1.61 18.95
CA LEU B 316 -5.97 -0.97 20.09
C LEU B 316 -7.39 -1.51 20.21
N ASN B 317 -8.04 -1.77 19.09
CA ASN B 317 -9.39 -2.39 19.12
C ASN B 317 -9.29 -3.80 19.71
N SER B 318 -8.33 -4.60 19.24
N SER B 318 -8.35 -4.60 19.21
CA SER B 318 -8.26 -6.04 19.59
CA SER B 318 -8.24 -6.03 19.57
C SER B 318 -8.10 -6.20 21.10
C SER B 318 -8.12 -6.20 21.09
N ILE B 319 -7.35 -5.32 21.74
CA ILE B 319 -7.10 -5.41 23.21
C ILE B 319 -8.18 -4.67 24.01
N GLY B 320 -9.11 -3.99 23.32
CA GLY B 320 -10.19 -3.26 24.00
C GLY B 320 -9.76 -1.92 24.56
N ARG B 321 -8.61 -1.39 24.17
CA ARG B 321 -8.21 -0.05 24.65
C ARG B 321 -8.99 1.05 23.91
N ALA B 322 -9.26 0.88 22.62
CA ALA B 322 -10.02 1.84 21.82
C ALA B 322 -11.25 1.13 21.30
N ASP B 323 -12.32 1.90 21.15
CA ASP B 323 -13.59 1.43 20.58
C ASP B 323 -13.83 2.12 19.25
N TYR B 324 -14.33 1.38 18.29
CA TYR B 324 -14.57 1.88 16.93
C TYR B 324 -16.04 1.71 16.60
N VAL B 325 -16.57 2.76 16.02
CA VAL B 325 -17.99 2.88 15.65
C VAL B 325 -18.05 3.42 14.23
N SER B 326 -19.24 3.49 13.68
CA SER B 326 -19.42 4.09 12.35
C SER B 326 -20.53 5.13 12.39
N ILE B 327 -20.46 6.04 11.43
CA ILE B 327 -21.41 7.16 11.25
C ILE B 327 -21.73 7.20 9.77
N THR B 328 -23.00 7.28 9.40
CA THR B 328 -23.40 7.27 7.99
C THR B 328 -23.23 8.66 7.37
N ASP B 329 -23.28 8.72 6.05
CA ASP B 329 -23.30 10.00 5.30
C ASP B 329 -24.34 10.94 5.93
N ASP B 330 -25.55 10.46 6.13
CA ASP B 330 -26.66 11.35 6.57
C ASP B 330 -26.37 11.87 7.98
N GLU B 331 -25.85 11.03 8.86
CA GLU B 331 -25.49 11.47 10.22
C GLU B 331 -24.38 12.53 10.13
N ALA B 332 -23.37 12.32 9.30
CA ALA B 332 -22.27 13.29 9.13
C ALA B 332 -22.81 14.62 8.60
N LEU B 333 -23.71 14.57 7.62
N LEU B 333 -23.78 14.55 7.68
CA LEU B 333 -24.25 15.81 7.01
CA LEU B 333 -24.41 15.75 7.07
C LEU B 333 -25.01 16.61 8.07
C LEU B 333 -25.22 16.51 8.13
N GLU B 334 -25.79 15.93 8.91
N GLU B 334 -25.89 15.83 9.06
CA GLU B 334 -26.54 16.63 9.98
CA GLU B 334 -26.65 16.55 10.12
C GLU B 334 -25.55 17.31 10.93
C GLU B 334 -25.66 17.21 11.08
N ALA B 335 -24.51 16.61 11.33
CA ALA B 335 -23.50 17.20 12.24
C ALA B 335 -22.87 18.43 11.59
N PHE B 336 -22.55 18.36 10.30
CA PHE B 336 -21.97 19.48 9.53
C PHE B 336 -22.91 20.69 9.67
N LYS B 337 -24.19 20.48 9.35
CA LYS B 337 -25.18 21.58 9.37
C LYS B 337 -25.31 22.14 10.79
N THR B 338 -25.36 21.26 11.78
CA THR B 338 -25.51 21.69 13.19
C THR B 338 -24.33 22.57 13.62
N LEU B 339 -23.11 22.18 13.29
CA LEU B 339 -21.96 22.99 13.77
C LEU B 339 -21.97 24.35 13.07
N CYS B 340 -22.29 24.40 11.79
CA CYS B 340 -22.36 25.69 11.04
C CYS B 340 -23.35 26.61 11.76
N ARG B 341 -24.53 26.09 12.06
CA ARG B 341 -25.68 26.92 12.48
C ARG B 341 -25.51 27.31 13.95
N HIS B 342 -24.95 26.44 14.79
CA HIS B 342 -24.94 26.65 16.26
C HIS B 342 -23.58 27.11 16.78
N GLU B 343 -22.49 26.96 16.02
CA GLU B 343 -21.17 27.39 16.50
C GLU B 343 -20.44 28.29 15.49
N GLY B 344 -20.95 28.46 14.27
CA GLY B 344 -20.24 29.28 13.26
C GLY B 344 -18.94 28.65 12.79
N ILE B 345 -18.83 27.33 12.88
CA ILE B 345 -17.63 26.60 12.39
C ILE B 345 -18.09 25.67 11.29
N ILE B 346 -17.45 25.75 10.13
CA ILE B 346 -17.74 24.84 8.99
C ILE B 346 -16.74 23.70 9.08
N PRO B 347 -17.17 22.50 9.52
CA PRO B 347 -16.23 21.40 9.71
C PRO B 347 -16.05 20.62 8.41
N ALA B 348 -14.88 20.02 8.24
CA ALA B 348 -14.68 19.03 7.16
C ALA B 348 -15.74 17.93 7.32
N LEU B 349 -16.19 17.38 6.21
CA LEU B 349 -17.12 16.23 6.28
C LEU B 349 -16.43 15.05 6.95
N GLU B 350 -15.11 14.90 6.83
CA GLU B 350 -14.38 13.84 7.58
C GLU B 350 -14.67 14.03 9.08
N SER B 351 -14.34 15.22 9.58
CA SER B 351 -14.42 15.59 11.02
C SER B 351 -15.88 15.51 11.50
N SER B 352 -16.81 15.80 10.59
CA SER B 352 -18.25 15.76 10.88
C SER B 352 -18.66 14.36 11.31
N HIS B 353 -17.95 13.32 10.88
CA HIS B 353 -18.26 11.93 11.35
C HIS B 353 -17.95 11.84 12.85
N ALA B 354 -16.81 12.38 13.30
CA ALA B 354 -16.48 12.38 14.73
C ALA B 354 -17.52 13.19 15.50
N LEU B 355 -17.84 14.38 15.00
CA LEU B 355 -18.83 15.23 15.71
C LEU B 355 -20.17 14.50 15.79
N ALA B 356 -20.61 13.89 14.70
CA ALA B 356 -21.90 13.17 14.69
C ALA B 356 -21.92 12.13 15.80
N HIS B 357 -20.85 11.38 16.00
CA HIS B 357 -20.85 10.35 17.07
C HIS B 357 -20.92 11.00 18.45
N ALA B 358 -20.19 12.11 18.68
CA ALA B 358 -20.27 12.81 19.97
C ALA B 358 -21.71 13.30 20.19
N LEU B 359 -22.35 13.81 19.15
CA LEU B 359 -23.75 14.31 19.29
C LEU B 359 -24.67 13.15 19.63
N LYS B 360 -24.46 11.96 19.08
N LYS B 360 -24.41 11.97 19.09
CA LYS B 360 -25.24 10.74 19.44
CA LYS B 360 -25.20 10.77 19.40
C LYS B 360 -24.96 10.37 20.90
C LYS B 360 -24.95 10.36 20.87
N MET B 361 -23.71 10.41 21.33
CA MET B 361 -23.40 10.08 22.74
C MET B 361 -24.20 10.99 23.67
N MET B 362 -24.28 12.27 23.32
CA MET B 362 -25.03 13.27 24.10
C MET B 362 -26.55 12.98 24.02
N ARG B 363 -27.07 12.90 22.81
CA ARG B 363 -28.54 12.84 22.60
C ARG B 363 -29.10 11.53 23.14
N GLU B 364 -28.35 10.43 23.05
CA GLU B 364 -28.88 9.13 23.49
C GLU B 364 -29.03 9.13 25.01
N GLN B 365 -28.15 9.81 25.72
CA GLN B 365 -28.07 9.78 27.19
C GLN B 365 -27.85 11.20 27.68
N PRO B 366 -28.86 12.09 27.54
CA PRO B 366 -28.63 13.51 27.77
C PRO B 366 -28.39 13.92 29.22
N GLU B 367 -28.69 13.04 30.17
CA GLU B 367 -28.43 13.30 31.61
C GLU B 367 -27.16 12.58 32.06
N LYS B 368 -26.41 11.96 31.16
CA LYS B 368 -25.09 11.39 31.49
C LYS B 368 -24.07 12.52 31.54
N GLU B 369 -23.38 12.67 32.66
CA GLU B 369 -22.29 13.67 32.76
C GLU B 369 -21.11 13.14 31.95
N GLN B 370 -20.69 13.88 30.95
CA GLN B 370 -19.53 13.44 30.15
C GLN B 370 -18.82 14.64 29.56
N LEU B 371 -17.51 14.58 29.67
CA LEU B 371 -16.59 15.59 29.14
C LEU B 371 -15.91 15.01 27.91
N LEU B 372 -16.28 15.52 26.75
CA LEU B 372 -15.88 14.92 25.46
C LEU B 372 -14.99 15.90 24.71
N VAL B 373 -14.01 15.36 24.00
CA VAL B 373 -13.24 16.13 23.00
C VAL B 373 -13.41 15.47 21.65
N VAL B 374 -13.83 16.25 20.68
CA VAL B 374 -13.84 15.83 19.27
C VAL B 374 -12.59 16.44 18.62
N ASN B 375 -11.83 15.64 17.89
CA ASN B 375 -10.74 16.17 17.04
C ASN B 375 -11.37 16.74 15.78
N LEU B 376 -11.38 18.06 15.67
N LEU B 376 -11.43 18.07 15.67
CA LEU B 376 -11.91 18.70 14.45
CA LEU B 376 -11.96 18.72 14.44
C LEU B 376 -10.75 18.74 13.46
C LEU B 376 -10.82 18.77 13.43
N SER B 377 -10.61 17.65 12.73
CA SER B 377 -9.40 17.39 11.93
C SER B 377 -9.23 18.41 10.81
N GLY B 378 -10.33 18.97 10.29
CA GLY B 378 -10.19 19.96 9.22
C GLY B 378 -11.38 20.88 9.10
N ARG B 379 -11.21 21.89 8.27
N ARG B 379 -11.23 21.95 8.34
CA ARG B 379 -12.27 22.85 7.91
CA ARG B 379 -12.36 22.85 8.00
C ARG B 379 -13.03 22.34 6.68
C ARG B 379 -13.03 22.37 6.72
N GLY B 380 -14.28 22.80 6.53
CA GLY B 380 -15.19 22.23 5.52
C GLY B 380 -15.52 23.16 4.37
N ASP B 381 -14.79 24.26 4.19
CA ASP B 381 -14.89 25.11 2.97
C ASP B 381 -14.88 24.24 1.71
N LYS B 382 -13.97 23.26 1.67
CA LYS B 382 -13.77 22.32 0.54
C LYS B 382 -15.03 21.51 0.24
N ASP B 383 -15.93 21.36 1.23
CA ASP B 383 -17.11 20.45 1.15
C ASP B 383 -18.40 21.20 0.80
N ILE B 384 -18.38 22.53 0.70
CA ILE B 384 -19.68 23.26 0.55
C ILE B 384 -20.32 22.91 -0.79
N PHE B 385 -19.57 22.59 -1.85
CA PHE B 385 -20.16 22.17 -3.15
C PHE B 385 -20.85 20.82 -2.99
N THR B 386 -20.17 19.86 -2.37
CA THR B 386 -20.71 18.51 -2.06
C THR B 386 -22.01 18.65 -1.25
N VAL B 387 -22.00 19.47 -0.20
CA VAL B 387 -23.18 19.65 0.68
C VAL B 387 -24.30 20.35 -0.10
N HIS B 388 -23.99 21.43 -0.82
CA HIS B 388 -24.96 22.13 -1.71
C HIS B 388 -25.67 21.10 -2.61
N ASP B 389 -24.91 20.28 -3.32
CA ASP B 389 -25.44 19.30 -4.30
C ASP B 389 -26.40 18.33 -3.60
N ILE B 390 -26.09 17.86 -2.39
CA ILE B 390 -26.93 16.85 -1.67
C ILE B 390 -28.22 17.51 -1.16
N LEU B 391 -28.13 18.72 -0.60
CA LEU B 391 -29.31 19.45 -0.08
C LEU B 391 -30.23 19.82 -1.25
N LYS B 392 -29.64 20.16 -2.41
CA LYS B 392 -30.36 20.49 -3.66
C LYS B 392 -31.14 19.25 -4.15
N ALA B 393 -30.48 18.08 -4.18
CA ALA B 393 -31.06 16.81 -4.68
C ALA B 393 -32.18 16.30 -3.75
N ARG B 394 -32.21 16.74 -2.49
CA ARG B 394 -33.29 16.43 -1.53
C ARG B 394 -34.50 17.34 -1.81
C1 F9F C . 8.37 -9.68 -9.17
C2 F9F C . 7.39 -9.44 -10.11
C3 F9F C . 7.25 -10.29 -11.18
C4 F9F C . 8.08 -11.38 -11.31
C5 F9F C . 9.07 -11.62 -10.36
C6 F9F C . 9.21 -10.78 -9.29
O7 F9F C . 8.48 -8.76 -8.10
C8 F9F C . 9.30 -8.93 -7.08
F9F F9F C . 9.14 -7.91 -6.26
F10 F9F C . 9.06 -10.05 -6.40
F11 F9F C . 10.57 -8.95 -7.47
S12 F9F C . 7.92 -12.45 -12.68
N13 F9F C . 7.72 -11.48 -13.95
C14 F9F C . 8.88 -10.63 -14.24
C15 F9F C . 8.79 -10.09 -15.60
O16 F9F C . 9.80 -9.06 -15.72
P17 F9F C . 9.72 -8.23 -17.06
O18 F9F C . 10.49 -6.97 -16.83
O19 F9F C . 8.23 -7.96 -17.32
O20 F9F C . 10.31 -9.14 -18.14
O21 F9F C . 6.74 -13.23 -12.53
O22 F9F C . 9.17 -13.13 -12.87
S DMS D . 7.13 -30.91 -20.42
O DMS D . 6.03 -31.15 -19.43
C1 DMS D . 7.16 -32.35 -21.44
C2 DMS D . 6.43 -29.79 -21.61
N TRP E . 20.45 2.32 -11.52
CA TRP E . 20.45 0.84 -11.46
C TRP E . 19.04 0.35 -11.08
O TRP E . 18.76 -0.85 -11.17
CB TRP E . 21.50 0.33 -10.48
CG TRP E . 21.22 0.71 -9.05
CD1 TRP E . 21.64 1.82 -8.41
CD2 TRP E . 20.42 -0.03 -8.11
NE1 TRP E . 21.16 1.84 -7.13
CE2 TRP E . 20.42 0.70 -6.91
CE3 TRP E . 19.72 -1.25 -8.17
CZ2 TRP E . 19.73 0.27 -5.78
CZ3 TRP E . 19.05 -1.67 -7.04
CH2 TRP E . 19.06 -0.92 -5.87
OXT TRP E . 18.20 1.15 -10.67
S DMS F . 24.41 -24.61 -17.59
O DMS F . 24.20 -24.34 -16.12
C1 DMS F . 26.16 -24.64 -17.84
C2 DMS F . 24.10 -23.07 -18.40
S DMS G . 24.64 -9.33 -16.56
O DMS G . 25.54 -9.71 -15.41
C1 DMS G . 24.07 -10.84 -17.28
C2 DMS G . 23.10 -8.81 -15.87
S DMS H . -8.97 -4.67 -11.71
O DMS H . -7.76 -4.18 -10.90
C1 DMS H . -9.99 -3.24 -11.93
C2 DMS H . -10.00 -5.55 -10.57
S DMS I . 5.55 -29.99 -6.24
O DMS I . 6.45 -31.12 -5.86
C1 DMS I . 4.24 -30.01 -5.06
C2 DMS I . 4.50 -30.48 -7.56
C1 EDO J . -7.04 -15.42 6.43
O1 EDO J . -5.86 -15.99 6.86
C2 EDO J . -6.82 -13.98 5.90
O2 EDO J . -7.79 -13.41 5.33
S DMS K . 8.60 -16.97 0.61
O DMS K . 7.86 -18.26 0.47
C1 DMS K . 9.71 -16.87 -0.74
C2 DMS K . 7.43 -15.70 0.17
CS CS L . 18.98 -23.89 -1.21
CS CS L . 18.68 -24.08 0.03
CS CS M . 24.62 -18.75 -26.27
CS CS M . 24.32 -19.46 -27.52
CL CL N . 11.49 -28.62 -7.99
N TRP O . -7.56 10.75 0.70
CA TRP O . -7.04 11.77 1.66
C TRP O . -6.07 12.71 0.94
O TRP O . -5.38 12.34 -0.02
CB TRP O . -6.36 11.15 2.89
CG TRP O . -5.33 10.09 2.58
CD1 TRP O . -4.13 10.24 1.94
CD2 TRP O . -5.44 8.69 2.90
NE1 TRP O . -3.48 9.04 1.86
CE2 TRP O . -4.26 8.07 2.42
CE3 TRP O . -6.41 7.91 3.53
CZ2 TRP O . -4.04 6.70 2.55
CZ3 TRP O . -6.19 6.56 3.67
CH2 TRP O . -5.03 5.96 3.18
OXT TRP O . -5.99 13.87 1.35
S DMS P . -4.05 29.45 21.71
O DMS P . -5.25 29.76 20.74
C1 DMS P . -4.00 27.68 21.78
C2 DMS P . -2.67 29.81 20.84
S DMS Q . 17.59 3.51 -6.55
O DMS Q . 16.94 4.84 -6.32
C1 DMS Q . 17.85 3.36 -8.29
C2 DMS Q . 16.34 2.27 -6.35
S DMS R . 8.00 19.23 17.56
O DMS R . 7.20 17.95 17.69
C1 DMS R . 9.39 19.02 18.64
C2 DMS R . 7.09 20.38 18.53
C1 PEG S . -15.92 -8.53 5.35
O1 PEG S . -16.37 -9.74 5.92
C2 PEG S . -15.06 -8.76 4.14
O2 PEG S . -14.60 -7.51 3.61
C3 PEG S . -15.58 -6.80 2.86
C4 PEG S . -16.38 -7.71 1.96
O4 PEG S . -16.65 -7.14 0.69
C1 EDO T . 16.21 14.21 22.68
O1 EDO T . 15.22 14.15 23.68
C2 EDO T . 15.72 14.94 21.47
O2 EDO T . 15.86 16.34 21.57
C1 EDO U . -33.30 8.64 22.15
O1 EDO U . -31.97 8.46 21.69
C2 EDO U . -33.42 9.82 23.02
O2 EDO U . -32.70 9.64 24.20
S DMS V . 7.01 4.56 -11.71
O DMS V . 6.96 3.06 -11.67
C1 DMS V . 7.03 5.01 -13.42
C2 DMS V . 5.39 5.12 -11.31
C1 EDO W . -7.45 27.46 35.22
O1 EDO W . -6.26 26.71 35.39
C2 EDO W . -7.46 28.27 33.98
O2 EDO W . -8.63 28.13 33.19
S DMS X . 12.85 -4.17 17.63
O DMS X . 12.48 -5.39 16.83
C1 DMS X . 14.46 -4.50 18.30
C2 DMS X . 11.93 -4.30 19.15
C1 PEG Y . -28.46 7.47 8.11
O1 PEG Y . -28.13 6.54 7.11
C2 PEG Y . -28.11 7.00 9.49
O2 PEG Y . -28.78 5.79 9.77
C3 PEG Y . -28.72 5.43 11.15
C4 PEG Y . -27.42 4.75 11.43
O4 PEG Y . -27.43 4.13 12.71
C1 EDO Z . 11.26 13.44 20.55
O1 EDO Z . 11.16 12.05 20.84
C2 EDO Z . 11.33 14.19 21.83
O2 EDO Z . 12.11 15.37 21.80
C1 PEG AA . 8.49 29.21 10.07
O1 PEG AA . 9.55 29.12 11.00
C2 PEG AA . 8.95 29.12 8.66
O2 PEG AA . 8.37 30.15 7.88
C3 PEG AA . 8.77 30.08 6.52
C4 PEG AA . 8.16 31.14 5.65
O4 PEG AA . 7.04 30.74 4.88
S DMS BA . -29.98 19.02 23.07
O DMS BA . -29.94 17.86 22.11
C1 DMS BA . -31.01 20.25 22.33
C2 DMS BA . -28.43 19.86 22.88
S DMS CA . -13.80 5.47 -3.97
O DMS CA . -13.17 4.19 -3.48
C1 DMS CA . -13.79 5.46 -5.76
C2 DMS CA . -12.61 6.75 -3.78
C1 EDO DA . 13.34 26.48 8.39
O1 EDO DA . 13.18 25.11 8.66
C2 EDO DA . 12.91 26.84 7.01
O2 EDO DA . 11.59 27.37 6.94
C1 EDO EA . -0.95 23.61 25.34
O1 EDO EA . 0.23 22.96 24.86
C2 EDO EA . -1.59 24.38 24.24
O2 EDO EA . -1.99 25.71 24.54
C1 EDO FA . -9.97 24.57 -10.46
O1 EDO FA . -10.88 23.68 -9.84
C2 EDO FA . -10.17 25.96 -9.98
O2 EDO FA . -10.70 26.02 -8.66
C1 EDO GA . -24.17 11.32 36.05
O1 EDO GA . -23.50 10.91 34.89
C2 EDO GA . -25.61 11.00 36.01
O2 EDO GA . -25.83 9.66 35.64
N1 PLP HA . -9.86 14.60 8.34
C2 PLP HA . -9.37 15.48 7.49
C2A PLP HA . -9.80 16.90 7.62
C3 PLP HA . -8.43 15.10 6.55
O3 PLP HA . -7.88 16.07 5.77
C4 PLP HA . -8.06 13.75 6.44
C4A PLP HA . -7.00 13.39 5.50
C5 PLP HA . -8.68 12.82 7.31
C6 PLP HA . -9.54 13.31 8.24
C5A PLP HA . -8.52 11.33 7.26
O4P PLP HA . -7.15 10.88 7.32
P PLP HA . -6.62 10.26 8.69
O1P PLP HA . -7.49 9.10 9.10
O2P PLP HA . -6.61 11.35 9.71
O3P PLP HA . -5.23 9.81 8.31
CS CS IA . -14.44 6.75 30.20
CS CS JA . -11.28 3.80 6.06
CS CS JA . -11.18 3.21 7.88
CS CS KA . -24.02 21.43 28.62
CL CL LA . -14.62 1.06 26.79
CL CL MA . -14.40 19.69 -5.47
CL CL NA . 3.84 -10.70 14.23
#